data_7TE4
#
_entry.id   7TE4
#
_cell.length_a   54.744
_cell.length_b   66.901
_cell.length_c   240.417
_cell.angle_alpha   90.000
_cell.angle_beta   90.000
_cell.angle_gamma   90.000
#
_symmetry.space_group_name_H-M   'P 21 21 21'
#
loop_
_entity.id
_entity.type
_entity.pdbx_description
1 polymer 'Fab2 anti-GluN2B antibody, light chain'
2 polymer 'Fab anti-GluN2B antibody, heavy chain'
3 water water
#
loop_
_entity_poly.entity_id
_entity_poly.type
_entity_poly.pdbx_seq_one_letter_code
_entity_poly.pdbx_strand_id
1 'polypeptide(L)'
;DIQMTQSPSSLSASLGGKVTITCKASQDINKYIAWYQHKPGKGPRLLIHYTSSLQPGIPSRFSGSGSGRDYSFSISNLEP
EDIATYYCLQYDNLYTFGGGTKLEIKRADAAPTVSIFPPSSEQLTSGGASVVCFLNNFYPKDINVKWKIDGSERQNGVLN
SWTDQDSKDSTYSMSSTLTLTKDEYERHNSYTCEATHKTSTSPIVKSFNRNES
;
L,A
2 'polypeptide(L)'
;DVKLQESGGGLVQPGGSLKLSCAASGFTFSSYTMSWVRQTPEKRLEWVAYISNGGGGTYYPDTVKGRFTISRDNAKNTLY
LQMNSLKEDTAMYYCARPSRGGSSYWYFDVWGAGTTVTVSSAKTTPPSVYPLAPGSAAQTNSMVTLGCLVKGYFPEPVTV
TWNSGSLSSGVHTFPAVLQSDLYTLSSSVTVPSSTWPSETVTCNVAHPASSTKVDKKIVPRDC
;
H,B
#
# COMPACT_ATOMS: atom_id res chain seq x y z
N ASP A 1 1.69 -13.33 -15.51
CA ASP A 1 1.33 -12.06 -14.92
C ASP A 1 2.07 -11.86 -13.61
N ILE A 2 3.02 -10.90 -13.58
CA ILE A 2 3.77 -10.59 -12.37
C ILE A 2 2.98 -9.61 -11.50
N GLN A 3 2.99 -9.85 -10.19
CA GLN A 3 2.16 -9.12 -9.24
C GLN A 3 3.01 -8.19 -8.41
N MET A 4 2.56 -6.95 -8.24
CA MET A 4 3.29 -5.94 -7.50
C MET A 4 2.49 -5.57 -6.26
N THR A 5 3.11 -5.63 -5.09
CA THR A 5 2.43 -5.29 -3.85
C THR A 5 3.00 -4.00 -3.27
N GLN A 6 2.31 -2.88 -3.52
CA GLN A 6 2.72 -1.58 -3.02
C GLN A 6 2.16 -1.37 -1.62
N SER A 7 2.95 -0.71 -0.76
CA SER A 7 2.46 -0.51 0.60
C SER A 7 3.19 0.67 1.23
N PRO A 8 2.51 1.46 2.09
CA PRO A 8 1.09 1.37 2.39
C PRO A 8 0.28 2.06 1.30
N SER A 9 -1.05 1.91 1.28
CA SER A 9 -1.88 2.58 0.27
C SER A 9 -2.00 4.08 0.51
N SER A 10 -1.66 4.55 1.70
CA SER A 10 -1.86 5.95 2.06
C SER A 10 -0.91 6.30 3.19
N LEU A 11 -0.39 7.53 3.18
CA LEU A 11 0.61 7.99 4.12
C LEU A 11 0.35 9.43 4.59
N SER A 12 0.67 9.68 5.84
CA SER A 12 0.57 11.00 6.45
C SER A 12 1.90 11.31 7.10
N ALA A 13 2.47 12.49 6.80
CA ALA A 13 3.81 12.78 7.26
C ALA A 13 3.97 14.27 7.53
N SER A 14 4.91 14.59 8.42
CA SER A 14 5.15 15.98 8.82
C SER A 14 6.07 16.66 7.82
N LEU A 15 5.97 18.00 7.75
CA LEU A 15 6.79 18.78 6.84
C LEU A 15 8.27 18.65 7.21
N GLY A 16 9.11 18.39 6.22
CA GLY A 16 10.51 18.12 6.45
C GLY A 16 10.83 16.68 6.79
N GLY A 17 9.82 15.85 7.02
CA GLY A 17 10.08 14.45 7.33
C GLY A 17 10.41 13.61 6.10
N LYS A 18 10.62 12.32 6.36
CA LYS A 18 10.95 11.36 5.32
C LYS A 18 9.88 10.29 5.29
N VAL A 19 9.69 9.70 4.11
CA VAL A 19 8.67 8.68 3.92
C VAL A 19 9.25 7.60 3.02
N THR A 20 8.71 6.38 3.11
CA THR A 20 9.26 5.26 2.35
C THR A 20 8.16 4.29 1.93
N ILE A 21 8.07 4.02 0.63
CA ILE A 21 7.12 3.08 0.07
C ILE A 21 7.86 1.84 -0.44
N THR A 22 7.22 0.68 -0.32
CA THR A 22 7.80 -0.56 -0.83
C THR A 22 6.88 -1.25 -1.84
N CYS A 23 7.50 -1.85 -2.86
CA CYS A 23 6.82 -2.73 -3.81
C CYS A 23 7.51 -4.07 -3.73
N LYS A 24 6.70 -5.13 -3.79
CA LYS A 24 7.17 -6.51 -3.66
C LYS A 24 6.60 -7.29 -4.83
N ALA A 25 7.48 -7.85 -5.65
CA ALA A 25 7.04 -8.52 -6.87
C ALA A 25 6.83 -10.02 -6.64
N SER A 26 6.08 -10.63 -7.55
CA SER A 26 5.79 -12.06 -7.46
C SER A 26 6.91 -12.92 -8.04
N GLN A 27 7.91 -12.33 -8.69
CA GLN A 27 9.12 -13.05 -9.06
C GLN A 27 10.26 -12.04 -9.04
N ASP A 28 11.48 -12.53 -9.28
CA ASP A 28 12.61 -11.63 -9.46
C ASP A 28 12.38 -10.75 -10.69
N ILE A 29 12.53 -9.44 -10.50
CA ILE A 29 12.34 -8.50 -11.61
C ILE A 29 13.62 -7.80 -12.04
N ASN A 30 14.75 -8.11 -11.40
CA ASN A 30 16.07 -7.71 -11.89
C ASN A 30 16.23 -6.20 -11.99
N LYS A 31 15.71 -5.48 -11.00
CA LYS A 31 15.85 -4.03 -10.87
C LYS A 31 15.10 -3.26 -11.95
N TYR A 32 14.30 -3.93 -12.78
CA TYR A 32 13.53 -3.24 -13.83
C TYR A 32 12.23 -2.68 -13.24
N ILE A 33 12.40 -1.70 -12.36
CA ILE A 33 11.27 -1.06 -11.72
C ILE A 33 11.41 0.45 -11.85
N ALA A 34 10.27 1.13 -12.02
CA ALA A 34 10.21 2.58 -12.12
C ALA A 34 9.17 3.10 -11.15
N TRP A 35 9.26 4.39 -10.86
CA TRP A 35 8.37 5.05 -9.90
C TRP A 35 7.83 6.31 -10.55
N TYR A 36 6.53 6.49 -10.48
CA TYR A 36 5.83 7.61 -11.07
C TYR A 36 5.09 8.39 -10.00
N GLN A 37 4.92 9.68 -10.25
CA GLN A 37 4.10 10.55 -9.43
C GLN A 37 2.91 10.99 -10.29
N HIS A 38 1.72 10.99 -9.68
CA HIS A 38 0.51 11.41 -10.37
C HIS A 38 -0.19 12.48 -9.56
N LYS A 39 -0.37 13.63 -10.15
CA LYS A 39 -1.09 14.73 -9.60
C LYS A 39 -2.40 14.87 -10.36
N PRO A 40 -3.50 15.18 -9.66
CA PRO A 40 -4.79 15.29 -10.34
C PRO A 40 -4.69 16.31 -11.46
N GLY A 41 -5.13 15.91 -12.64
CA GLY A 41 -5.12 16.80 -13.76
C GLY A 41 -3.87 16.77 -14.60
N LYS A 42 -2.90 15.92 -14.27
CA LYS A 42 -1.66 15.87 -15.02
C LYS A 42 -1.38 14.43 -15.42
N GLY A 43 -0.62 14.27 -16.51
CA GLY A 43 -0.24 12.95 -16.94
C GLY A 43 0.80 12.42 -15.97
N PRO A 44 0.96 11.10 -15.89
CA PRO A 44 1.89 10.54 -14.90
C PRO A 44 3.31 11.03 -15.15
N ARG A 45 4.03 11.30 -14.06
CA ARG A 45 5.37 11.86 -14.17
C ARG A 45 6.40 10.88 -13.61
N LEU A 46 7.38 10.51 -14.44
CA LEU A 46 8.39 9.52 -14.06
C LEU A 46 9.42 10.14 -13.12
N LEU A 47 9.69 9.47 -12.00
CA LEU A 47 10.67 9.93 -11.02
C LEU A 47 11.97 9.13 -11.05
N ILE A 48 11.88 7.80 -11.05
CA ILE A 48 13.03 6.93 -10.92
C ILE A 48 12.85 5.78 -11.90
N HIS A 49 13.92 5.39 -12.59
CA HIS A 49 13.87 4.19 -13.39
C HIS A 49 15.05 3.30 -13.01
N TYR A 50 14.96 2.03 -13.41
CA TYR A 50 15.95 1.02 -13.05
C TYR A 50 16.32 1.10 -11.56
N THR A 51 15.27 1.07 -10.72
CA THR A 51 15.35 1.01 -9.26
C THR A 51 15.79 2.30 -8.59
N SER A 52 16.91 2.88 -8.99
CA SER A 52 17.41 4.04 -8.28
C SER A 52 18.00 5.11 -9.17
N SER A 53 17.75 5.06 -10.47
CA SER A 53 18.28 6.04 -11.40
C SER A 53 17.30 7.21 -11.45
N LEU A 54 17.71 8.34 -10.90
CA LEU A 54 16.87 9.53 -10.86
C LEU A 54 16.70 10.16 -12.24
N GLN A 55 15.57 10.77 -12.47
CA GLN A 55 15.38 11.45 -13.74
C GLN A 55 16.07 12.82 -13.70
N PRO A 56 16.51 13.33 -14.85
CA PRO A 56 17.04 14.69 -14.87
C PRO A 56 15.95 15.68 -14.51
N GLY A 57 16.25 16.61 -13.62
CA GLY A 57 15.26 17.53 -13.11
C GLY A 57 14.60 17.08 -11.82
N ILE A 58 14.88 15.86 -11.37
CA ILE A 58 14.25 15.34 -10.16
C ILE A 58 15.17 15.66 -8.99
N PRO A 59 14.64 16.25 -7.92
CA PRO A 59 15.49 16.58 -6.76
C PRO A 59 16.08 15.33 -6.12
N SER A 60 17.19 15.53 -5.42
CA SER A 60 17.87 14.39 -4.81
C SER A 60 17.16 13.87 -3.58
N ARG A 61 16.07 14.51 -3.16
CA ARG A 61 15.30 13.99 -2.03
C ARG A 61 14.57 12.72 -2.38
N PHE A 62 14.32 12.48 -3.67
CA PHE A 62 13.75 11.21 -4.10
C PHE A 62 14.84 10.17 -4.26
N SER A 63 14.55 8.93 -3.88
CA SER A 63 15.54 7.87 -3.98
C SER A 63 14.84 6.53 -4.04
N GLY A 64 15.57 5.55 -4.58
CA GLY A 64 15.08 4.20 -4.70
C GLY A 64 16.19 3.22 -4.36
N SER A 65 15.78 1.98 -4.12
CA SER A 65 16.70 0.93 -3.75
C SER A 65 15.98 -0.40 -3.82
N GLY A 66 16.73 -1.48 -3.82
CA GLY A 66 16.17 -2.82 -3.84
C GLY A 66 16.73 -3.68 -4.97
N SER A 67 16.40 -4.97 -4.89
CA SER A 67 16.80 -5.98 -5.86
C SER A 67 15.95 -7.23 -5.68
N GLY A 68 15.91 -8.05 -6.74
CA GLY A 68 15.22 -9.32 -6.70
C GLY A 68 13.72 -9.22 -6.57
N ARG A 69 13.22 -9.05 -5.35
CA ARG A 69 11.77 -9.01 -5.16
C ARG A 69 11.38 -7.78 -4.35
N ASP A 70 12.29 -7.29 -3.53
CA ASP A 70 12.01 -6.22 -2.57
C ASP A 70 12.52 -4.89 -3.12
N TYR A 71 11.64 -3.89 -3.20
CA TYR A 71 12.07 -2.57 -3.64
C TYR A 71 11.46 -1.50 -2.74
N SER A 72 12.14 -0.37 -2.66
CA SER A 72 11.72 0.71 -1.80
C SER A 72 11.91 2.04 -2.51
N PHE A 73 11.03 2.99 -2.19
CA PHE A 73 11.07 4.33 -2.77
C PHE A 73 10.89 5.32 -1.65
N SER A 74 11.71 6.34 -1.62
CA SER A 74 11.73 7.24 -0.48
C SER A 74 11.71 8.68 -0.93
N ILE A 75 11.05 9.51 -0.12
CA ILE A 75 11.06 10.96 -0.25
C ILE A 75 11.43 11.55 1.10
N SER A 76 12.47 12.38 1.13
CA SER A 76 12.97 13.00 2.35
C SER A 76 12.79 14.50 2.24
N ASN A 77 12.90 15.16 3.39
CA ASN A 77 12.65 16.60 3.51
C ASN A 77 11.32 16.96 2.83
N LEU A 78 10.24 16.29 3.31
CA LEU A 78 8.94 16.36 2.64
C LEU A 78 8.46 17.79 2.48
N GLU A 79 8.01 18.13 1.28
CA GLU A 79 7.47 19.43 0.93
C GLU A 79 6.00 19.34 0.57
N PRO A 80 5.25 20.44 0.68
CA PRO A 80 3.84 20.40 0.29
C PRO A 80 3.61 20.01 -1.16
N GLU A 81 4.53 20.37 -2.05
CA GLU A 81 4.40 20.02 -3.45
C GLU A 81 4.47 18.52 -3.68
N ASP A 82 4.89 17.74 -2.69
CA ASP A 82 5.00 16.31 -2.83
C ASP A 82 3.69 15.57 -2.56
N ILE A 83 2.61 16.31 -2.31
CA ILE A 83 1.29 15.72 -2.13
C ILE A 83 0.82 15.22 -3.49
N ALA A 84 0.71 13.91 -3.64
CA ALA A 84 0.27 13.28 -4.88
C ALA A 84 0.05 11.79 -4.62
N THR A 85 -0.15 11.04 -5.70
CA THR A 85 -0.19 9.58 -5.64
C THR A 85 1.02 9.00 -6.39
N TYR A 86 1.62 7.96 -5.82
CA TYR A 86 2.85 7.36 -6.33
C TYR A 86 2.62 5.90 -6.68
N TYR A 87 3.17 5.46 -7.82
CA TYR A 87 3.02 4.09 -8.30
C TYR A 87 4.37 3.55 -8.72
N CYS A 88 4.59 2.26 -8.44
CA CYS A 88 5.73 1.57 -9.02
C CYS A 88 5.27 0.87 -10.28
N LEU A 89 6.23 0.54 -11.15
CA LEU A 89 5.94 -0.13 -12.40
C LEU A 89 7.09 -1.08 -12.71
N GLN A 90 6.82 -2.37 -12.75
CA GLN A 90 7.81 -3.31 -13.22
C GLN A 90 7.70 -3.41 -14.72
N TYR A 91 8.84 -3.44 -15.38
CA TYR A 91 8.92 -3.66 -16.83
C TYR A 91 9.92 -4.78 -17.13
N ASP A 92 10.13 -5.67 -16.15
CA ASP A 92 11.02 -6.80 -16.39
C ASP A 92 10.48 -7.66 -17.51
N ASN A 93 9.22 -8.06 -17.41
CA ASN A 93 8.57 -8.84 -18.46
C ASN A 93 7.14 -8.36 -18.53
N LEU A 94 6.82 -7.61 -19.58
CA LEU A 94 5.56 -6.89 -19.71
C LEU A 94 5.47 -5.84 -18.60
N TYR A 95 4.26 -5.44 -18.21
CA TYR A 95 4.11 -4.30 -17.33
C TYR A 95 3.11 -4.59 -16.22
N THR A 96 3.43 -4.10 -15.02
CA THR A 96 2.56 -4.24 -13.86
C THR A 96 2.76 -3.04 -12.96
N PHE A 97 1.70 -2.25 -12.77
CA PHE A 97 1.75 -1.13 -11.85
C PHE A 97 1.43 -1.61 -10.45
N GLY A 98 2.08 -1.00 -9.47
CA GLY A 98 1.69 -1.16 -8.10
C GLY A 98 0.33 -0.51 -7.84
N GLY A 99 -0.18 -0.79 -6.63
CA GLY A 99 -1.50 -0.33 -6.21
C GLY A 99 -1.65 1.18 -6.04
N GLY A 100 -0.56 1.88 -5.79
CA GLY A 100 -0.59 3.30 -5.57
C GLY A 100 -0.45 3.65 -4.10
N THR A 101 -0.03 4.87 -3.84
CA THR A 101 0.16 5.32 -2.46
C THR A 101 -0.14 6.81 -2.45
N LYS A 102 -1.25 7.18 -1.83
CA LYS A 102 -1.60 8.58 -1.63
C LYS A 102 -0.81 9.11 -0.44
N LEU A 103 -0.23 10.29 -0.62
CA LEU A 103 0.53 10.97 0.42
C LEU A 103 -0.16 12.27 0.84
N GLU A 104 -0.35 12.44 2.15
CA GLU A 104 -0.85 13.66 2.74
C GLU A 104 0.18 14.17 3.73
N ILE A 105 0.34 15.48 3.83
CA ILE A 105 1.32 16.10 4.72
C ILE A 105 0.58 16.80 5.86
N LYS A 106 1.00 16.55 7.10
CA LYS A 106 0.32 17.15 8.24
C LYS A 106 0.59 18.66 8.28
N ARG A 107 -0.26 19.39 9.00
CA ARG A 107 -0.08 20.83 9.17
C ARG A 107 -0.85 21.29 10.41
N ALA A 108 -0.75 22.58 10.72
CA ALA A 108 -1.46 23.15 11.85
C ALA A 108 -2.96 23.27 11.55
N ASP A 109 -3.79 23.10 12.57
CA ASP A 109 -5.23 23.16 12.39
C ASP A 109 -5.68 24.50 11.78
N ALA A 110 -6.71 24.44 10.95
CA ALA A 110 -7.22 25.63 10.28
C ALA A 110 -8.73 25.60 10.27
N ALA A 111 -9.33 26.71 10.63
CA ALA A 111 -10.77 26.82 10.57
C ALA A 111 -11.19 27.08 9.13
N PRO A 112 -12.34 26.57 8.72
CA PRO A 112 -12.78 26.77 7.33
C PRO A 112 -13.35 28.17 7.14
N THR A 113 -13.24 28.64 5.91
CA THR A 113 -13.99 29.81 5.48
C THR A 113 -15.30 29.32 4.90
N VAL A 114 -16.42 29.74 5.52
CA VAL A 114 -17.74 29.23 5.19
C VAL A 114 -18.53 30.30 4.44
N SER A 115 -19.30 29.88 3.43
CA SER A 115 -20.20 30.74 2.68
C SER A 115 -21.46 29.97 2.33
N ILE A 116 -22.63 30.62 2.49
CA ILE A 116 -23.91 30.02 2.13
C ILE A 116 -24.51 30.77 0.94
N PHE A 117 -25.26 30.03 0.10
CA PHE A 117 -25.83 30.55 -1.16
C PHE A 117 -27.29 30.11 -1.30
N PRO A 118 -28.23 31.01 -1.56
CA PRO A 118 -29.61 30.59 -1.79
C PRO A 118 -29.76 29.92 -3.14
N PRO A 119 -30.89 29.25 -3.38
CA PRO A 119 -31.16 28.76 -4.74
C PRO A 119 -31.15 29.94 -5.71
N SER A 120 -30.70 29.66 -6.94
CA SER A 120 -30.74 30.65 -7.99
C SER A 120 -32.15 30.76 -8.55
N SER A 121 -32.47 31.91 -9.16
CA SER A 121 -33.80 32.07 -9.73
C SER A 121 -34.05 31.06 -10.85
N GLU A 122 -33.02 30.76 -11.65
CA GLU A 122 -33.21 29.84 -12.75
C GLU A 122 -33.69 28.49 -12.22
N GLN A 123 -33.03 27.97 -11.17
CA GLN A 123 -33.43 26.71 -10.57
C GLN A 123 -34.82 26.82 -9.95
N LEU A 124 -35.18 27.97 -9.35
CA LEU A 124 -36.49 28.06 -8.69
C LEU A 124 -37.64 28.01 -9.69
N THR A 125 -37.53 28.71 -10.80
CA THR A 125 -38.63 28.66 -11.73
C THR A 125 -38.76 27.31 -12.41
N SER A 126 -37.80 26.41 -12.21
CA SER A 126 -37.86 25.06 -12.77
C SER A 126 -38.27 24.02 -11.74
N GLY A 127 -38.61 24.44 -10.52
CA GLY A 127 -39.17 23.57 -9.50
C GLY A 127 -38.24 23.08 -8.43
N GLY A 128 -36.96 23.43 -8.50
CA GLY A 128 -35.99 22.92 -7.54
C GLY A 128 -35.39 23.98 -6.65
N ALA A 129 -34.80 23.56 -5.53
CA ALA A 129 -34.21 24.52 -4.60
C ALA A 129 -33.01 23.84 -3.93
N SER A 130 -31.82 24.19 -4.40
CA SER A 130 -30.57 23.70 -3.83
C SER A 130 -29.90 24.82 -3.06
N VAL A 131 -29.60 24.58 -1.78
CA VAL A 131 -28.84 25.53 -0.98
C VAL A 131 -27.41 25.01 -0.82
N VAL A 132 -26.43 25.87 -1.07
CA VAL A 132 -25.04 25.43 -1.18
C VAL A 132 -24.20 26.10 -0.10
N CYS A 133 -23.36 25.30 0.56
CA CYS A 133 -22.47 25.79 1.59
C CYS A 133 -21.02 25.34 1.29
N PHE A 134 -20.09 26.29 1.23
CA PHE A 134 -18.68 25.94 1.00
C PHE A 134 -17.91 26.10 2.31
N LEU A 135 -17.08 25.11 2.62
CA LEU A 135 -16.18 25.13 3.76
C LEU A 135 -14.78 25.01 3.16
N ASN A 136 -14.07 26.13 3.08
CA ASN A 136 -12.84 26.22 2.31
C ASN A 136 -11.61 26.36 3.19
N ASN A 137 -10.55 25.64 2.79
CA ASN A 137 -9.18 25.81 3.31
C ASN A 137 -9.12 25.58 4.81
N PHE A 138 -9.49 24.37 5.22
CA PHE A 138 -9.48 23.98 6.62
C PHE A 138 -8.63 22.72 6.77
N TYR A 139 -8.25 22.43 8.03
CA TYR A 139 -7.44 21.27 8.33
C TYR A 139 -7.73 20.82 9.76
N PRO A 140 -7.83 19.51 10.03
CA PRO A 140 -7.71 18.33 9.14
C PRO A 140 -8.98 18.05 8.37
N LYS A 141 -9.01 16.96 7.61
CA LYS A 141 -10.13 16.74 6.69
C LYS A 141 -11.44 16.39 7.38
N ASP A 142 -11.42 15.99 8.65
CA ASP A 142 -12.63 15.58 9.37
C ASP A 142 -13.40 16.81 9.84
N ILE A 143 -14.58 17.04 9.26
CA ILE A 143 -15.43 18.18 9.58
C ILE A 143 -16.90 17.76 9.35
N ASN A 144 -17.82 18.41 10.07
CA ASN A 144 -19.25 18.10 9.97
C ASN A 144 -20.09 19.34 9.63
N VAL A 145 -21.05 19.19 8.74
CA VAL A 145 -21.98 20.26 8.40
C VAL A 145 -23.38 19.91 8.87
N LYS A 146 -24.04 20.87 9.53
CA LYS A 146 -25.41 20.71 9.99
C LYS A 146 -26.26 21.77 9.31
N TRP A 147 -27.36 21.33 8.71
CA TRP A 147 -28.31 22.20 8.03
C TRP A 147 -29.51 22.44 8.94
N LYS A 148 -29.91 23.72 9.08
CA LYS A 148 -31.07 24.11 9.86
C LYS A 148 -31.97 24.99 9.03
N ILE A 149 -33.24 24.60 8.94
CA ILE A 149 -34.28 25.36 8.24
C ILE A 149 -35.26 25.84 9.30
N ASP A 150 -35.38 27.16 9.43
CA ASP A 150 -36.23 27.77 10.47
C ASP A 150 -35.81 27.35 11.87
N GLY A 151 -34.51 27.13 12.08
CA GLY A 151 -34.04 26.81 13.41
C GLY A 151 -34.06 25.34 13.75
N SER A 152 -34.67 24.49 12.92
CA SER A 152 -34.75 23.07 13.19
C SER A 152 -33.81 22.29 12.29
N GLU A 153 -33.27 21.20 12.82
CA GLU A 153 -32.32 20.42 12.06
C GLU A 153 -33.04 19.76 10.89
N ARG A 154 -32.35 19.68 9.76
CA ARG A 154 -32.90 19.06 8.56
C ARG A 154 -31.84 18.08 8.07
N GLN A 155 -32.20 16.82 7.90
CA GLN A 155 -31.18 15.84 7.53
C GLN A 155 -31.35 15.25 6.14
N ASN A 156 -32.55 15.20 5.58
CA ASN A 156 -32.73 14.59 4.27
C ASN A 156 -32.30 15.53 3.16
N GLY A 157 -31.65 14.99 2.12
CA GLY A 157 -31.38 15.75 0.92
C GLY A 157 -30.05 16.47 0.86
N VAL A 158 -29.03 15.99 1.58
CA VAL A 158 -27.72 16.62 1.66
C VAL A 158 -26.71 15.76 0.92
N LEU A 159 -25.87 16.38 0.08
CA LEU A 159 -24.79 15.71 -0.60
C LEU A 159 -23.51 16.47 -0.31
N ASN A 160 -22.45 15.75 0.06
CA ASN A 160 -21.21 16.34 0.50
C ASN A 160 -20.08 15.90 -0.42
N SER A 161 -19.08 16.78 -0.56
CA SER A 161 -17.95 16.46 -1.42
C SER A 161 -16.72 17.18 -0.92
N TRP A 162 -15.66 16.42 -0.66
CA TRP A 162 -14.36 16.91 -0.24
C TRP A 162 -13.39 16.92 -1.42
N THR A 163 -12.52 17.92 -1.43
CA THR A 163 -11.41 17.92 -2.35
C THR A 163 -10.26 17.15 -1.74
N ASP A 164 -9.27 16.85 -2.60
CA ASP A 164 -8.00 16.32 -2.15
C ASP A 164 -7.19 17.43 -1.48
N GLN A 165 -6.13 17.04 -0.78
CA GLN A 165 -5.31 18.03 -0.10
C GLN A 165 -4.67 19.00 -1.09
N ASP A 166 -4.65 20.27 -0.72
CA ASP A 166 -4.06 21.29 -1.56
C ASP A 166 -2.53 21.16 -1.64
N SER A 167 -1.98 21.22 -2.86
CA SER A 167 -0.56 21.01 -3.06
C SER A 167 0.30 22.17 -2.54
N LYS A 168 -0.30 23.34 -2.30
CA LYS A 168 0.47 24.49 -1.81
C LYS A 168 0.07 24.92 -0.42
N ASP A 169 -1.08 24.48 0.07
CA ASP A 169 -1.70 24.90 1.32
C ASP A 169 -1.76 23.81 2.36
N SER A 170 -1.86 22.56 1.92
CA SER A 170 -2.05 21.39 2.77
C SER A 170 -3.41 21.41 3.48
N THR A 171 -4.33 22.26 3.04
CA THR A 171 -5.67 22.30 3.62
C THR A 171 -6.61 21.49 2.74
N TYR A 172 -7.86 21.39 3.20
CA TYR A 172 -8.94 20.74 2.47
C TYR A 172 -10.08 21.71 2.25
N SER A 173 -10.87 21.41 1.26
CA SER A 173 -12.10 22.15 1.05
C SER A 173 -13.23 21.16 0.89
N MET A 174 -14.42 21.58 1.28
CA MET A 174 -15.57 20.70 1.31
C MET A 174 -16.80 21.51 0.89
N SER A 175 -17.72 20.82 0.21
CA SER A 175 -18.94 21.43 -0.31
C SER A 175 -20.14 20.63 0.15
N SER A 176 -21.16 21.33 0.64
CA SER A 176 -22.38 20.70 1.13
C SER A 176 -23.58 21.29 0.42
N THR A 177 -24.41 20.43 -0.17
CA THR A 177 -25.60 20.89 -0.88
C THR A 177 -26.86 20.30 -0.28
N LEU A 178 -27.78 21.18 0.11
CA LEU A 178 -29.10 20.80 0.56
C LEU A 178 -30.10 21.04 -0.56
N THR A 179 -30.69 19.96 -1.06
CA THR A 179 -31.68 20.07 -2.12
C THR A 179 -33.08 19.82 -1.59
N LEU A 180 -33.97 20.79 -1.81
CA LEU A 180 -35.39 20.71 -1.48
C LEU A 180 -36.17 20.99 -2.75
N THR A 181 -37.44 20.70 -2.70
CA THR A 181 -38.26 21.18 -3.78
C THR A 181 -38.49 22.66 -3.56
N LYS A 182 -38.79 23.34 -4.67
CA LYS A 182 -39.15 24.74 -4.57
C LYS A 182 -40.40 24.91 -3.69
N ASP A 183 -41.25 23.90 -3.64
CA ASP A 183 -42.45 23.96 -2.81
C ASP A 183 -42.10 24.01 -1.33
N GLU A 184 -41.27 23.09 -0.86
CA GLU A 184 -40.92 23.16 0.56
C GLU A 184 -39.97 24.31 0.85
N TYR A 185 -39.22 24.76 -0.14
CA TYR A 185 -38.31 25.87 0.11
C TYR A 185 -39.07 27.13 0.42
N GLU A 186 -40.17 27.39 -0.29
CA GLU A 186 -40.89 28.65 -0.12
C GLU A 186 -41.73 28.69 1.13
N ARG A 187 -41.87 27.58 1.82
CA ARG A 187 -42.63 27.59 3.06
C ARG A 187 -41.77 27.86 4.28
N HIS A 188 -40.47 28.15 4.10
CA HIS A 188 -39.60 28.48 5.22
C HIS A 188 -38.77 29.70 4.86
N ASN A 189 -38.18 30.32 5.89
CA ASN A 189 -37.49 31.58 5.71
C ASN A 189 -35.98 31.52 5.95
N SER A 190 -35.53 30.90 7.05
CA SER A 190 -34.13 30.98 7.46
C SER A 190 -33.39 29.68 7.14
N TYR A 191 -32.23 29.80 6.50
CA TYR A 191 -31.46 28.62 6.13
C TYR A 191 -30.05 28.77 6.67
N THR A 192 -29.54 27.72 7.30
CA THR A 192 -28.29 27.77 8.06
C THR A 192 -27.46 26.50 7.88
N CYS A 193 -26.17 26.69 7.62
CA CYS A 193 -25.20 25.60 7.72
C CYS A 193 -24.24 25.90 8.86
N GLU A 194 -23.97 24.90 9.68
CA GLU A 194 -23.04 25.01 10.81
C GLU A 194 -21.94 24.01 10.57
N ALA A 195 -20.70 24.46 10.68
CA ALA A 195 -19.53 23.64 10.43
C ALA A 195 -18.91 23.31 11.77
N THR A 196 -18.78 22.00 12.06
CA THR A 196 -18.16 21.58 13.31
C THR A 196 -16.78 20.96 13.12
N SER A 202 -17.41 24.34 19.50
CA SER A 202 -17.83 25.63 18.95
C SER A 202 -17.83 25.66 17.43
N PRO A 203 -19.00 25.91 16.88
CA PRO A 203 -19.17 25.84 15.42
C PRO A 203 -19.01 27.20 14.73
N ILE A 204 -18.98 27.18 13.41
CA ILE A 204 -19.04 28.39 12.58
C ILE A 204 -20.36 28.35 11.85
N VAL A 205 -21.14 29.42 11.97
CA VAL A 205 -22.50 29.51 11.44
C VAL A 205 -22.54 30.55 10.32
N LYS A 206 -23.28 30.23 9.26
CA LYS A 206 -23.60 31.13 8.17
C LYS A 206 -25.06 30.92 7.76
N SER A 207 -25.78 32.01 7.54
CA SER A 207 -27.21 31.91 7.24
C SER A 207 -27.64 32.93 6.21
N PHE A 208 -28.84 32.73 5.69
CA PHE A 208 -29.56 33.78 5.00
C PHE A 208 -31.03 33.61 5.32
N ASN A 209 -31.78 34.67 5.04
CA ASN A 209 -33.23 34.66 5.15
C ASN A 209 -33.86 34.98 3.80
N ARG A 210 -34.92 34.26 3.43
CA ARG A 210 -35.68 34.64 2.24
C ARG A 210 -36.36 35.99 2.46
N ASN A 211 -35.67 36.91 3.13
CA ASN A 211 -36.14 38.25 3.43
C ASN A 211 -37.55 38.21 3.99
N VAL B 2 7.39 16.09 -29.55
CA VAL B 2 6.91 14.73 -29.35
C VAL B 2 5.62 14.67 -28.52
N LYS B 3 4.54 14.20 -29.14
CA LYS B 3 3.22 14.19 -28.51
C LYS B 3 2.42 12.96 -28.93
N LEU B 4 1.46 12.61 -28.10
CA LEU B 4 0.49 11.55 -28.38
C LEU B 4 -0.90 12.16 -28.22
N GLN B 5 -1.70 12.13 -29.29
CA GLN B 5 -3.03 12.71 -29.26
C GLN B 5 -4.04 11.59 -29.41
N GLU B 6 -4.92 11.44 -28.41
CA GLU B 6 -5.88 10.34 -28.45
C GLU B 6 -7.28 10.79 -28.89
N SER B 7 -8.01 9.83 -29.43
CA SER B 7 -9.34 10.09 -29.95
C SER B 7 -10.33 9.15 -29.27
N GLY B 8 -11.47 9.71 -28.86
CA GLY B 8 -12.45 9.04 -28.03
C GLY B 8 -12.94 7.70 -28.53
N GLY B 9 -13.62 6.96 -27.67
CA GLY B 9 -13.91 7.41 -26.33
C GLY B 9 -15.34 7.92 -26.19
N GLY B 10 -16.00 7.51 -25.12
CA GLY B 10 -17.35 7.97 -24.89
C GLY B 10 -18.13 7.01 -24.00
N LEU B 11 -19.43 6.99 -24.22
CA LEU B 11 -20.36 6.22 -23.42
C LEU B 11 -20.85 5.02 -24.20
N VAL B 12 -20.96 3.88 -23.51
CA VAL B 12 -21.42 2.63 -24.12
C VAL B 12 -22.17 1.82 -23.06
N GLN B 13 -23.28 1.22 -23.48
CA GLN B 13 -24.00 0.35 -22.56
C GLN B 13 -23.41 -1.06 -22.63
N PRO B 14 -23.50 -1.84 -21.55
CA PRO B 14 -22.95 -3.21 -21.56
C PRO B 14 -23.55 -4.09 -22.66
N LYS B 19 -13.69 1.59 -30.21
CA LYS B 19 -12.34 1.69 -30.72
C LYS B 19 -11.67 3.05 -30.46
N LEU B 20 -10.55 3.04 -29.73
CA LEU B 20 -9.77 4.23 -29.46
C LEU B 20 -8.56 4.28 -30.37
N SER B 21 -8.09 5.50 -30.66
CA SER B 21 -6.93 5.75 -31.52
C SER B 21 -5.99 6.76 -30.89
N CYS B 22 -4.71 6.63 -31.21
CA CYS B 22 -3.64 7.46 -30.67
C CYS B 22 -2.72 7.86 -31.80
N ALA B 23 -2.64 9.15 -32.08
CA ALA B 23 -1.81 9.66 -33.17
C ALA B 23 -0.49 10.15 -32.60
N ALA B 24 0.61 9.67 -33.17
CA ALA B 24 1.96 9.94 -32.68
C ALA B 24 2.71 10.85 -33.63
N SER B 25 3.54 11.73 -33.06
CA SER B 25 4.39 12.61 -33.82
C SER B 25 5.62 12.96 -32.99
N GLY B 26 6.67 13.47 -33.64
CA GLY B 26 7.85 13.92 -32.95
C GLY B 26 8.95 12.89 -32.80
N PHE B 27 8.69 11.62 -33.10
CA PHE B 27 9.67 10.57 -32.94
C PHE B 27 9.41 9.55 -34.03
N THR B 28 10.24 8.50 -34.04
CA THR B 28 10.14 7.45 -35.06
C THR B 28 9.30 6.31 -34.52
N PHE B 29 7.99 6.38 -34.78
CA PHE B 29 7.03 5.45 -34.19
C PHE B 29 7.36 3.98 -34.50
N SER B 30 7.90 3.70 -35.69
CA SER B 30 8.09 2.30 -36.07
C SER B 30 9.15 1.61 -35.22
N SER B 31 10.02 2.39 -34.59
CA SER B 31 11.12 1.86 -33.80
C SER B 31 10.75 1.57 -32.35
N TYR B 32 9.55 1.96 -31.90
CA TYR B 32 9.16 1.76 -30.52
C TYR B 32 7.98 0.80 -30.43
N THR B 33 7.93 0.06 -29.33
CA THR B 33 6.73 -0.66 -28.97
C THR B 33 5.68 0.33 -28.48
N MET B 34 4.45 -0.15 -28.28
CA MET B 34 3.40 0.72 -27.74
C MET B 34 2.50 -0.06 -26.78
N SER B 35 1.89 0.70 -25.87
CA SER B 35 1.01 0.16 -24.84
C SER B 35 -0.16 1.10 -24.56
N TRP B 36 -1.22 0.51 -24.03
CA TRP B 36 -2.37 1.22 -23.53
C TRP B 36 -2.41 1.01 -22.03
N VAL B 37 -2.67 2.10 -21.29
CA VAL B 37 -2.82 2.10 -19.84
C VAL B 37 -4.14 2.81 -19.54
N ARG B 38 -4.77 2.43 -18.43
CA ARG B 38 -6.05 3.00 -18.04
C ARG B 38 -5.98 3.42 -16.59
N GLN B 39 -6.70 4.47 -16.23
CA GLN B 39 -6.79 4.90 -14.84
C GLN B 39 -8.25 4.75 -14.45
N THR B 40 -8.51 3.81 -13.53
CA THR B 40 -9.80 3.47 -12.97
C THR B 40 -10.39 4.67 -12.28
N PRO B 41 -11.69 4.66 -11.94
CA PRO B 41 -12.23 5.71 -11.05
C PRO B 41 -11.61 5.67 -9.67
N GLU B 42 -11.08 4.51 -9.26
CA GLU B 42 -10.14 4.50 -8.15
C GLU B 42 -8.81 5.06 -8.62
N LYS B 43 -7.97 5.48 -7.70
CA LYS B 43 -6.69 6.00 -8.16
C LYS B 43 -5.76 4.88 -8.61
N ARG B 44 -6.21 3.96 -9.46
CA ARG B 44 -5.41 2.79 -9.82
C ARG B 44 -5.03 2.78 -11.30
N LEU B 45 -3.73 2.57 -11.56
CA LEU B 45 -3.13 2.51 -12.88
C LEU B 45 -2.97 1.07 -13.31
N GLU B 46 -3.23 0.79 -14.58
CA GLU B 46 -3.31 -0.59 -15.05
C GLU B 46 -2.83 -0.70 -16.49
N TRP B 47 -1.86 -1.58 -16.73
CA TRP B 47 -1.44 -1.89 -18.10
C TRP B 47 -2.49 -2.77 -18.77
N VAL B 48 -2.79 -2.47 -20.04
CA VAL B 48 -3.97 -3.03 -20.67
C VAL B 48 -3.64 -3.77 -21.97
N ALA B 49 -2.63 -3.29 -22.70
CA ALA B 49 -2.24 -3.95 -23.93
C ALA B 49 -0.83 -3.52 -24.34
N TYR B 50 -0.12 -4.41 -25.03
CA TYR B 50 1.23 -4.13 -25.50
C TYR B 50 1.36 -4.57 -26.94
N ILE B 51 1.93 -3.71 -27.78
CA ILE B 51 2.24 -4.09 -29.14
C ILE B 51 3.73 -3.84 -29.35
N SER B 52 4.32 -4.60 -30.27
CA SER B 52 5.75 -4.50 -30.56
C SER B 52 6.00 -3.57 -31.74
N ASN B 53 7.27 -3.40 -32.08
CA ASN B 53 7.66 -2.53 -33.17
C ASN B 53 6.91 -2.98 -34.43
N GLY B 54 7.37 -4.08 -35.01
CA GLY B 54 6.54 -4.84 -35.93
C GLY B 54 5.36 -5.38 -35.14
N GLY B 55 4.14 -5.04 -35.54
CA GLY B 55 2.95 -5.36 -34.78
C GLY B 55 2.66 -6.83 -34.52
N GLY B 56 3.67 -7.69 -34.74
CA GLY B 56 3.48 -9.13 -34.58
C GLY B 56 3.32 -9.57 -33.15
N GLY B 57 3.84 -8.82 -32.20
CA GLY B 57 3.69 -9.14 -30.79
C GLY B 57 2.54 -8.33 -30.20
N THR B 58 1.70 -9.02 -29.43
CA THR B 58 0.62 -8.39 -28.69
C THR B 58 0.40 -9.18 -27.41
N TYR B 59 0.23 -8.48 -26.29
CA TYR B 59 0.00 -9.13 -25.02
C TYR B 59 -1.02 -8.33 -24.22
N TYR B 60 -1.78 -9.05 -23.41
CA TYR B 60 -2.86 -8.49 -22.65
C TYR B 60 -2.86 -9.15 -21.28
N PRO B 61 -3.35 -8.48 -20.26
CA PRO B 61 -3.46 -9.13 -18.95
C PRO B 61 -4.73 -9.97 -18.90
N ASP B 62 -4.85 -10.75 -17.81
CA ASP B 62 -5.96 -11.69 -17.71
C ASP B 62 -7.29 -10.97 -17.53
N THR B 63 -7.30 -9.88 -16.77
CA THR B 63 -8.52 -9.12 -16.54
C THR B 63 -9.08 -8.46 -17.80
N VAL B 64 -8.55 -8.72 -19.00
CA VAL B 64 -9.00 -8.01 -20.20
C VAL B 64 -8.77 -8.86 -21.44
N LYS B 65 -8.04 -9.97 -21.30
CA LYS B 65 -7.66 -10.77 -22.46
C LYS B 65 -8.89 -11.33 -23.15
N GLY B 66 -8.87 -11.35 -24.48
CA GLY B 66 -9.99 -11.84 -25.27
C GLY B 66 -10.97 -10.77 -25.71
N ARG B 67 -11.18 -9.75 -24.87
CA ARG B 67 -12.13 -8.68 -25.17
C ARG B 67 -11.45 -7.50 -25.87
N PHE B 68 -10.18 -7.21 -25.57
CA PHE B 68 -9.46 -6.11 -26.19
C PHE B 68 -8.51 -6.60 -27.27
N THR B 69 -8.26 -5.76 -28.26
CA THR B 69 -7.32 -6.11 -29.31
C THR B 69 -6.53 -4.89 -29.73
N ILE B 70 -5.21 -4.92 -29.44
CA ILE B 70 -4.29 -3.84 -29.76
C ILE B 70 -3.74 -4.04 -31.17
N SER B 71 -3.55 -2.93 -31.87
CA SER B 71 -3.14 -2.93 -33.27
C SER B 71 -2.44 -1.61 -33.59
N ARG B 72 -1.70 -1.60 -34.70
CA ARG B 72 -1.00 -0.38 -35.10
C ARG B 72 -0.90 -0.32 -36.62
N ASP B 73 -0.72 0.90 -37.13
CA ASP B 73 -0.54 1.17 -38.54
C ASP B 73 0.68 2.08 -38.63
N ASN B 74 1.85 1.46 -38.68
CA ASN B 74 3.11 2.19 -38.80
C ASN B 74 3.09 3.16 -39.96
N ALA B 75 2.33 2.84 -41.02
CA ALA B 75 2.28 3.73 -42.19
C ALA B 75 1.73 5.10 -41.83
N LYS B 76 0.75 5.16 -40.92
CA LYS B 76 0.15 6.43 -40.53
C LYS B 76 0.54 6.85 -39.11
N ASN B 77 1.51 6.18 -38.49
CA ASN B 77 1.97 6.54 -37.16
C ASN B 77 0.80 6.64 -36.18
N THR B 78 -0.01 5.59 -36.13
CA THR B 78 -1.19 5.57 -35.28
C THR B 78 -1.29 4.22 -34.58
N LEU B 79 -1.83 4.23 -33.37
CA LEU B 79 -2.10 3.05 -32.60
C LEU B 79 -3.60 2.96 -32.32
N TYR B 80 -4.13 1.75 -32.23
CA TYR B 80 -5.56 1.53 -32.04
C TYR B 80 -5.81 0.61 -30.86
N LEU B 81 -7.01 0.69 -30.30
CA LEU B 81 -7.41 -0.30 -29.31
C LEU B 81 -8.89 -0.57 -29.47
N GLN B 82 -9.24 -1.84 -29.76
CA GLN B 82 -10.63 -2.25 -29.97
C GLN B 82 -11.08 -2.99 -28.73
N MET B 83 -12.18 -2.53 -28.14
CA MET B 83 -12.67 -3.00 -26.86
C MET B 83 -14.06 -3.62 -27.03
N ASN B 84 -14.26 -4.85 -26.53
CA ASN B 84 -15.56 -5.50 -26.66
C ASN B 84 -16.02 -6.08 -25.32
N SER B 85 -17.34 -6.24 -25.19
CA SER B 85 -17.99 -6.80 -23.99
C SER B 85 -17.62 -6.06 -22.68
N LEU B 86 -17.73 -4.74 -22.72
CA LEU B 86 -17.24 -3.94 -21.61
C LEU B 86 -18.10 -4.11 -20.37
N LYS B 87 -17.53 -3.81 -19.20
CA LYS B 87 -18.24 -3.86 -17.91
C LYS B 87 -17.75 -2.77 -16.94
N GLU B 88 -16.99 -3.16 -15.91
CA GLU B 88 -16.17 -2.25 -15.10
C GLU B 88 -14.82 -1.97 -15.78
N ASP B 89 -14.86 -1.89 -17.10
CA ASP B 89 -13.88 -1.28 -17.98
C ASP B 89 -13.96 0.23 -18.02
N THR B 90 -14.79 0.86 -17.19
CA THR B 90 -14.96 2.30 -17.21
C THR B 90 -13.72 2.97 -16.64
N ALA B 91 -13.03 3.72 -17.49
CA ALA B 91 -11.76 4.33 -17.09
C ALA B 91 -11.34 5.35 -18.13
N MET B 92 -10.29 6.08 -17.78
CA MET B 92 -9.59 6.92 -18.73
C MET B 92 -8.45 6.13 -19.32
N TYR B 93 -8.31 6.16 -20.64
CA TYR B 93 -7.35 5.33 -21.35
C TYR B 93 -6.23 6.20 -21.92
N TYR B 94 -4.97 5.82 -21.64
CA TYR B 94 -3.79 6.50 -22.14
C TYR B 94 -3.02 5.59 -23.09
N CYS B 95 -2.52 6.15 -24.19
CA CYS B 95 -1.47 5.48 -24.94
C CYS B 95 -0.13 5.99 -24.42
N ALA B 96 0.79 5.06 -24.17
CA ALA B 96 2.07 5.38 -23.56
C ALA B 96 3.20 4.84 -24.41
N ARG B 97 4.28 5.60 -24.47
CA ARG B 97 5.37 5.12 -25.30
C ARG B 97 6.58 4.81 -24.44
N PRO B 98 7.23 3.68 -24.67
CA PRO B 98 8.43 3.34 -23.90
C PRO B 98 9.56 4.34 -24.17
N SER B 99 10.51 4.37 -23.24
CA SER B 99 11.58 5.37 -23.25
C SER B 99 12.69 5.07 -24.25
N ARG B 100 12.71 3.89 -24.86
CA ARG B 100 13.79 3.48 -25.74
C ARG B 100 13.21 2.64 -26.86
N GLY B 101 13.95 2.57 -27.98
CA GLY B 101 13.54 1.75 -29.09
C GLY B 101 13.86 0.29 -28.89
N GLY B 102 13.25 -0.55 -29.71
CA GLY B 102 13.49 -1.98 -29.65
C GLY B 102 12.35 -2.72 -28.97
N SER B 103 12.39 -4.04 -29.12
CA SER B 103 11.32 -4.88 -28.58
C SER B 103 11.57 -5.31 -27.14
N SER B 104 12.53 -4.71 -26.44
CA SER B 104 12.63 -4.99 -25.02
C SER B 104 11.63 -4.11 -24.30
N TYR B 105 11.27 -4.51 -23.08
CA TYR B 105 10.25 -3.78 -22.36
C TYR B 105 10.89 -2.60 -21.63
N TRP B 106 10.41 -1.40 -21.92
CA TRP B 106 10.91 -0.19 -21.28
C TRP B 106 9.80 0.56 -20.58
N TYR B 107 10.14 1.11 -19.41
CA TYR B 107 9.25 2.01 -18.70
C TYR B 107 8.77 3.12 -19.62
N PHE B 108 7.56 3.62 -19.36
CA PHE B 108 6.96 4.62 -20.23
C PHE B 108 7.46 6.02 -19.90
N ASP B 109 7.67 6.82 -20.95
CA ASP B 109 8.18 8.17 -20.80
C ASP B 109 7.38 9.22 -21.57
N VAL B 110 6.37 8.84 -22.33
CA VAL B 110 5.46 9.79 -22.98
C VAL B 110 4.04 9.27 -22.83
N TRP B 111 3.14 10.15 -22.43
CA TRP B 111 1.74 9.78 -22.22
C TRP B 111 0.81 10.67 -23.04
N GLY B 112 -0.23 10.07 -23.60
CA GLY B 112 -1.29 10.84 -24.18
C GLY B 112 -2.10 11.56 -23.13
N ALA B 113 -2.97 12.46 -23.61
CA ALA B 113 -3.79 13.23 -22.69
C ALA B 113 -4.82 12.35 -22.00
N GLY B 114 -5.29 11.32 -22.69
CA GLY B 114 -6.22 10.36 -22.12
C GLY B 114 -7.63 10.58 -22.61
N THR B 115 -8.33 9.51 -22.96
CA THR B 115 -9.75 9.59 -23.29
C THR B 115 -10.52 8.66 -22.38
N THR B 116 -11.67 9.15 -21.90
CA THR B 116 -12.51 8.39 -20.98
C THR B 116 -13.46 7.47 -21.72
N VAL B 117 -13.70 6.32 -21.14
CA VAL B 117 -14.66 5.34 -21.64
C VAL B 117 -15.60 5.02 -20.48
N THR B 118 -16.89 5.23 -20.70
CA THR B 118 -17.90 4.95 -19.69
C THR B 118 -18.77 3.79 -20.15
N VAL B 119 -18.93 2.81 -19.26
CA VAL B 119 -19.76 1.63 -19.50
C VAL B 119 -20.86 1.63 -18.44
N SER B 120 -22.09 1.98 -18.83
CA SER B 120 -23.20 2.06 -17.88
C SER B 120 -24.51 1.89 -18.64
N SER B 121 -25.52 1.40 -17.91
CA SER B 121 -26.88 1.31 -18.42
C SER B 121 -27.69 2.60 -18.22
N ALA B 122 -27.02 3.76 -18.15
CA ALA B 122 -27.68 5.06 -18.10
C ALA B 122 -27.35 5.81 -19.40
N LYS B 123 -28.06 6.91 -19.62
CA LYS B 123 -28.03 7.63 -20.89
C LYS B 123 -27.58 9.08 -20.69
N THR B 124 -26.98 9.63 -21.75
CA THR B 124 -26.36 10.94 -21.66
C THR B 124 -27.35 12.03 -21.30
N THR B 125 -26.99 12.85 -20.31
CA THR B 125 -27.83 13.95 -19.85
C THR B 125 -26.94 15.18 -19.72
N PRO B 126 -27.25 16.28 -20.39
CA PRO B 126 -26.50 17.53 -20.19
C PRO B 126 -26.73 18.06 -18.79
N PRO B 127 -25.82 18.86 -18.24
CA PRO B 127 -26.05 19.44 -16.93
C PRO B 127 -26.90 20.70 -17.02
N SER B 128 -27.54 21.03 -15.90
CA SER B 128 -28.15 22.34 -15.69
C SER B 128 -27.18 23.14 -14.83
N VAL B 129 -26.85 24.34 -15.27
CA VAL B 129 -25.76 25.09 -14.64
C VAL B 129 -26.36 26.30 -13.96
N TYR B 130 -26.14 26.40 -12.65
CA TYR B 130 -26.75 27.44 -11.88
C TYR B 130 -25.70 28.32 -11.22
N PRO B 131 -25.89 29.64 -11.24
CA PRO B 131 -24.91 30.54 -10.63
C PRO B 131 -25.16 30.72 -9.14
N LEU B 132 -24.07 30.82 -8.37
CA LEU B 132 -24.14 30.98 -6.91
C LEU B 132 -23.61 32.37 -6.53
N ALA B 133 -24.50 33.26 -6.32
CA ALA B 133 -24.14 34.61 -5.88
C ALA B 133 -24.52 34.78 -4.43
N PRO B 134 -23.70 35.46 -3.63
CA PRO B 134 -24.05 35.67 -2.22
C PRO B 134 -25.35 36.45 -2.10
N GLY B 135 -26.15 36.08 -1.09
CA GLY B 135 -27.31 36.87 -0.70
C GLY B 135 -26.91 37.94 0.30
N SER B 142 -13.46 42.67 2.06
CA SER B 142 -12.20 41.96 2.00
C SER B 142 -12.18 41.10 0.75
N MET B 143 -12.69 39.86 0.84
CA MET B 143 -12.82 39.04 -0.35
C MET B 143 -14.18 38.35 -0.36
N VAL B 144 -14.63 38.01 -1.56
CA VAL B 144 -15.93 37.43 -1.84
C VAL B 144 -15.75 36.06 -2.48
N THR B 145 -16.62 35.13 -2.14
CA THR B 145 -16.61 33.81 -2.74
C THR B 145 -17.85 33.68 -3.60
N LEU B 146 -17.66 33.16 -4.80
CA LEU B 146 -18.75 32.92 -5.72
C LEU B 146 -18.73 31.44 -6.08
N GLY B 147 -19.81 30.99 -6.70
CA GLY B 147 -19.78 29.61 -7.13
C GLY B 147 -20.72 29.35 -8.29
N CYS B 148 -20.63 28.15 -8.81
CA CYS B 148 -21.72 27.71 -9.64
C CYS B 148 -21.87 26.20 -9.49
N LEU B 149 -23.12 25.77 -9.64
CA LEU B 149 -23.57 24.43 -9.39
C LEU B 149 -23.89 23.75 -10.71
N VAL B 150 -23.31 22.56 -10.93
CA VAL B 150 -23.43 21.79 -12.17
C VAL B 150 -24.26 20.55 -11.87
N LYS B 151 -25.53 20.55 -12.26
CA LYS B 151 -26.50 19.61 -11.73
C LYS B 151 -27.07 18.69 -12.79
N GLY B 152 -27.18 17.41 -12.44
CA GLY B 152 -27.88 16.39 -13.19
C GLY B 152 -27.31 16.06 -14.55
N TYR B 153 -26.06 15.65 -14.62
CA TYR B 153 -25.46 15.28 -15.89
C TYR B 153 -24.95 13.85 -15.80
N PHE B 154 -24.66 13.30 -16.96
CA PHE B 154 -24.12 11.96 -17.14
C PHE B 154 -23.62 11.80 -18.55
N PRO B 155 -22.45 11.18 -18.76
CA PRO B 155 -21.65 10.75 -17.61
C PRO B 155 -20.61 11.83 -17.26
N GLU B 156 -19.43 11.40 -16.66
CA GLU B 156 -18.24 12.17 -16.34
C GLU B 156 -17.34 12.21 -17.56
N PRO B 157 -16.54 13.26 -17.72
CA PRO B 157 -16.40 14.34 -16.74
C PRO B 157 -17.04 15.63 -17.19
N VAL B 158 -16.84 16.70 -16.42
CA VAL B 158 -17.17 18.05 -16.84
C VAL B 158 -15.96 18.92 -16.53
N THR B 159 -15.81 19.99 -17.30
CA THR B 159 -14.77 20.99 -17.11
C THR B 159 -15.39 22.29 -16.62
N VAL B 160 -14.92 22.78 -15.49
CA VAL B 160 -15.36 24.06 -14.96
C VAL B 160 -14.16 24.99 -14.89
N THR B 161 -14.30 26.19 -15.47
CA THR B 161 -13.27 27.21 -15.32
C THR B 161 -13.95 28.52 -14.99
N TRP B 162 -13.15 29.49 -14.60
CA TRP B 162 -13.63 30.80 -14.23
C TRP B 162 -12.90 31.84 -15.08
N ASN B 163 -13.67 32.62 -15.84
CA ASN B 163 -13.16 33.62 -16.76
C ASN B 163 -12.19 32.95 -17.72
N SER B 164 -12.72 31.90 -18.35
CA SER B 164 -12.10 31.16 -19.45
C SER B 164 -10.78 30.55 -18.98
N GLY B 165 -10.52 30.65 -17.68
CA GLY B 165 -9.30 30.10 -17.09
C GLY B 165 -8.40 31.13 -16.44
N SER B 166 -8.74 32.41 -16.49
CA SER B 166 -7.82 33.43 -16.02
C SER B 166 -7.85 33.60 -14.50
N LEU B 167 -9.00 33.39 -13.88
CA LEU B 167 -9.05 33.21 -12.42
C LEU B 167 -8.62 31.79 -12.12
N SER B 168 -7.42 31.62 -11.54
CA SER B 168 -6.87 30.30 -11.28
C SER B 168 -6.54 30.03 -9.81
N SER B 169 -6.16 31.07 -9.06
CA SER B 169 -5.95 30.93 -7.62
C SER B 169 -7.28 31.06 -6.90
N GLY B 170 -7.39 30.41 -5.74
CA GLY B 170 -8.62 30.56 -4.99
C GLY B 170 -9.83 29.91 -5.62
N VAL B 171 -9.62 28.92 -6.49
CA VAL B 171 -10.67 28.16 -7.15
C VAL B 171 -10.67 26.78 -6.52
N HIS B 172 -11.87 26.28 -6.20
CA HIS B 172 -12.04 24.93 -5.65
C HIS B 172 -13.15 24.26 -6.43
N THR B 173 -12.84 23.18 -7.14
CA THR B 173 -13.84 22.41 -7.87
C THR B 173 -14.05 21.08 -7.17
N PHE B 174 -15.27 20.81 -6.81
CA PHE B 174 -15.46 19.68 -5.93
C PHE B 174 -15.77 18.42 -6.72
N PRO B 175 -15.34 17.26 -6.21
CA PRO B 175 -15.58 15.99 -6.92
C PRO B 175 -17.07 15.72 -7.05
N ALA B 176 -17.44 15.23 -8.23
CA ALA B 176 -18.84 14.94 -8.53
C ALA B 176 -19.37 13.83 -7.62
N VAL B 177 -20.64 13.92 -7.26
CA VAL B 177 -21.32 12.91 -6.47
C VAL B 177 -22.51 12.39 -7.28
N LEU B 178 -22.62 11.07 -7.34
CA LEU B 178 -23.68 10.40 -8.09
C LEU B 178 -24.83 10.12 -7.13
N GLN B 179 -25.94 10.84 -7.34
CA GLN B 179 -27.23 10.55 -6.70
C GLN B 179 -27.98 9.89 -7.85
N SER B 180 -27.69 8.61 -8.02
CA SER B 180 -28.03 7.82 -9.20
C SER B 180 -29.36 8.23 -9.79
N ASP B 181 -29.41 8.32 -11.11
CA ASP B 181 -28.25 8.00 -11.94
C ASP B 181 -27.63 9.25 -12.59
N LEU B 182 -27.31 10.25 -11.78
CA LEU B 182 -26.82 11.51 -12.31
C LEU B 182 -25.75 12.08 -11.37
N TYR B 183 -24.83 12.86 -11.94
CA TYR B 183 -23.76 13.48 -11.18
C TYR B 183 -24.10 14.93 -10.90
N THR B 184 -23.68 15.42 -9.74
CA THR B 184 -23.76 16.83 -9.42
C THR B 184 -22.40 17.26 -8.92
N LEU B 185 -22.01 18.47 -9.28
CA LEU B 185 -20.70 19.01 -8.96
C LEU B 185 -20.86 20.50 -8.65
N SER B 186 -19.96 21.05 -7.86
CA SER B 186 -19.99 22.48 -7.60
C SER B 186 -18.58 23.03 -7.68
N SER B 187 -18.47 24.33 -7.93
CA SER B 187 -17.17 24.99 -7.99
C SER B 187 -17.24 26.36 -7.32
N SER B 188 -16.18 26.73 -6.62
CA SER B 188 -16.12 28.01 -5.95
C SER B 188 -14.88 28.77 -6.40
N VAL B 189 -15.00 30.10 -6.37
CA VAL B 189 -13.89 31.00 -6.67
C VAL B 189 -13.93 32.13 -5.64
N THR B 190 -12.76 32.52 -5.16
CA THR B 190 -12.61 33.59 -4.19
C THR B 190 -11.80 34.72 -4.82
N VAL B 191 -12.31 35.94 -4.71
CA VAL B 191 -11.71 37.12 -5.34
C VAL B 191 -11.75 38.28 -4.36
N PRO B 192 -10.87 39.28 -4.55
CA PRO B 192 -10.90 40.45 -3.67
C PRO B 192 -12.25 41.16 -3.73
N SER B 193 -12.56 41.90 -2.68
CA SER B 193 -13.80 42.67 -2.68
C SER B 193 -13.80 43.64 -3.85
N SER B 194 -14.99 43.86 -4.38
CA SER B 194 -15.20 44.90 -5.38
C SER B 194 -14.80 44.45 -6.78
N THR B 195 -13.70 43.66 -6.94
CA THR B 195 -13.41 43.12 -8.27
C THR B 195 -14.61 42.37 -8.85
N TRP B 196 -15.57 42.04 -7.99
CA TRP B 196 -16.85 41.47 -8.24
C TRP B 196 -17.67 42.31 -7.27
N PRO B 197 -18.73 43.00 -7.74
CA PRO B 197 -19.21 42.85 -9.12
C PRO B 197 -18.70 43.86 -10.19
N SER B 198 -17.81 44.78 -9.83
CA SER B 198 -17.22 45.68 -10.82
C SER B 198 -16.82 44.91 -12.07
N GLU B 199 -15.85 44.00 -11.95
CA GLU B 199 -15.53 43.17 -13.10
C GLU B 199 -16.59 42.10 -13.29
N THR B 200 -16.48 41.35 -14.38
CA THR B 200 -17.44 40.30 -14.70
C THR B 200 -16.83 38.94 -14.41
N VAL B 201 -17.56 38.10 -13.67
CA VAL B 201 -17.11 36.76 -13.34
C VAL B 201 -18.08 35.75 -13.93
N THR B 202 -17.55 34.84 -14.72
CA THR B 202 -18.34 33.86 -15.45
C THR B 202 -17.68 32.50 -15.27
N CYS B 203 -18.49 31.51 -14.95
CA CYS B 203 -18.01 30.14 -14.88
C CYS B 203 -18.32 29.45 -16.20
N ASN B 204 -17.34 28.72 -16.70
CA ASN B 204 -17.39 28.01 -17.98
C ASN B 204 -17.45 26.52 -17.73
N VAL B 205 -18.52 25.89 -18.21
CA VAL B 205 -18.73 24.46 -18.03
C VAL B 205 -18.82 23.80 -19.39
N ALA B 206 -18.18 22.63 -19.51
CA ALA B 206 -18.19 21.87 -20.74
C ALA B 206 -18.49 20.43 -20.39
N HIS B 207 -19.45 19.83 -21.10
CA HIS B 207 -19.81 18.43 -20.93
C HIS B 207 -19.65 17.77 -22.29
N PRO B 208 -18.51 17.12 -22.55
CA PRO B 208 -18.25 16.67 -23.92
C PRO B 208 -19.15 15.54 -24.38
N ALA B 209 -19.51 14.61 -23.50
CA ALA B 209 -20.34 13.50 -23.96
C ALA B 209 -21.73 13.95 -24.42
N SER B 210 -22.09 15.20 -24.18
CA SER B 210 -23.34 15.72 -24.73
C SER B 210 -23.10 16.96 -25.56
N SER B 211 -21.85 17.28 -25.89
CA SER B 211 -21.52 18.46 -26.71
C SER B 211 -22.24 19.70 -26.20
N THR B 212 -22.22 19.90 -24.90
CA THR B 212 -22.87 21.08 -24.34
C THR B 212 -21.80 21.92 -23.66
N LYS B 213 -21.97 23.23 -23.74
CA LYS B 213 -21.04 24.20 -23.19
C LYS B 213 -21.84 25.43 -22.74
N VAL B 214 -21.75 25.75 -21.46
CA VAL B 214 -22.46 26.89 -20.90
C VAL B 214 -21.44 27.86 -20.31
N ASP B 215 -21.73 29.14 -20.45
CA ASP B 215 -21.02 30.18 -19.71
C ASP B 215 -22.09 30.92 -18.92
N LYS B 216 -21.90 31.06 -17.62
CA LYS B 216 -22.90 31.69 -16.79
C LYS B 216 -22.24 32.82 -16.01
N LYS B 217 -22.75 34.03 -16.19
CA LYS B 217 -22.23 35.18 -15.46
C LYS B 217 -22.82 35.17 -14.06
N ILE B 218 -22.01 35.56 -13.09
CA ILE B 218 -22.50 35.63 -11.72
C ILE B 218 -23.04 37.04 -11.54
N VAL B 219 -24.35 37.16 -11.38
CA VAL B 219 -24.98 38.46 -11.21
C VAL B 219 -25.39 38.63 -9.74
N PRO B 220 -25.18 39.81 -9.14
CA PRO B 220 -25.50 39.99 -7.71
C PRO B 220 -26.98 39.89 -7.42
N ARG B 221 -27.33 39.99 -6.15
CA ARG B 221 -28.73 40.02 -5.68
C ARG B 221 -29.39 38.66 -5.84
N ASP C 1 34.85 -7.82 2.85
CA ASP C 1 34.55 -9.20 3.25
C ASP C 1 34.23 -10.02 2.00
N ILE C 2 34.20 -11.35 2.13
CA ILE C 2 33.87 -12.20 0.99
C ILE C 2 32.36 -12.14 0.78
N GLN C 3 31.95 -12.09 -0.48
CA GLN C 3 30.56 -11.86 -0.85
C GLN C 3 29.96 -13.15 -1.40
N MET C 4 28.74 -13.45 -0.97
CA MET C 4 27.99 -14.63 -1.39
C MET C 4 26.73 -14.17 -2.12
N THR C 5 26.55 -14.61 -3.36
CA THR C 5 25.36 -14.28 -4.13
C THR C 5 24.56 -15.56 -4.35
N GLN C 6 23.51 -15.74 -3.54
CA GLN C 6 22.62 -16.89 -3.59
C GLN C 6 21.50 -16.67 -4.60
N SER C 7 21.09 -17.75 -5.28
CA SER C 7 20.02 -17.60 -6.25
C SER C 7 19.30 -18.92 -6.46
N PRO C 8 17.98 -18.92 -6.72
CA PRO C 8 17.11 -17.74 -6.67
C PRO C 8 16.68 -17.42 -5.26
N SER C 9 16.10 -16.23 -5.05
CA SER C 9 15.57 -15.84 -3.76
C SER C 9 14.27 -16.55 -3.43
N SER C 10 13.64 -17.20 -4.40
CA SER C 10 12.33 -17.80 -4.20
C SER C 10 12.21 -18.99 -5.14
N LEU C 11 11.61 -20.06 -4.63
CA LEU C 11 11.45 -21.30 -5.38
C LEU C 11 10.07 -21.88 -5.11
N SER C 12 9.49 -22.45 -6.14
CA SER C 12 8.19 -23.10 -6.01
C SER C 12 8.22 -24.45 -6.70
N ALA C 13 7.82 -25.50 -5.99
CA ALA C 13 7.93 -26.84 -6.56
C ALA C 13 6.81 -27.72 -6.03
N SER C 14 6.48 -28.75 -6.82
CA SER C 14 5.40 -29.67 -6.49
C SER C 14 5.90 -30.75 -5.55
N LEU C 15 4.97 -31.30 -4.76
CA LEU C 15 5.34 -32.29 -3.75
C LEU C 15 5.98 -33.52 -4.41
N GLY C 16 7.11 -33.95 -3.86
CA GLY C 16 7.92 -35.00 -4.44
C GLY C 16 8.93 -34.54 -5.47
N GLY C 17 8.88 -33.29 -5.91
CA GLY C 17 9.81 -32.79 -6.90
C GLY C 17 11.14 -32.45 -6.28
N LYS C 18 12.03 -31.88 -7.10
CA LYS C 18 13.37 -31.46 -6.70
C LYS C 18 13.64 -29.99 -7.02
N VAL C 19 14.48 -29.36 -6.20
CA VAL C 19 14.84 -27.95 -6.34
C VAL C 19 16.34 -27.80 -6.13
N THR C 20 16.89 -26.70 -6.67
CA THR C 20 18.33 -26.50 -6.59
C THR C 20 18.67 -25.03 -6.42
N ILE C 21 19.42 -24.72 -5.37
CA ILE C 21 19.87 -23.36 -5.11
C ILE C 21 21.35 -23.31 -5.42
N THR C 22 21.81 -22.17 -5.92
CA THR C 22 23.23 -21.99 -6.19
C THR C 22 23.73 -20.85 -5.32
N CYS C 23 24.97 -20.96 -4.90
CA CYS C 23 25.66 -19.89 -4.21
C CYS C 23 26.95 -19.62 -4.97
N LYS C 24 27.28 -18.35 -5.16
CA LYS C 24 28.46 -17.98 -5.95
C LYS C 24 29.28 -16.98 -5.14
N ALA C 25 30.52 -17.34 -4.86
CA ALA C 25 31.37 -16.53 -3.99
C ALA C 25 32.22 -15.58 -4.82
N SER C 26 32.70 -14.51 -4.17
CA SER C 26 33.57 -13.52 -4.81
C SER C 26 35.03 -13.93 -4.83
N GLN C 27 35.39 -15.01 -4.14
CA GLN C 27 36.72 -15.55 -4.21
C GLN C 27 36.60 -17.07 -4.17
N ASP C 28 37.74 -17.74 -4.33
CA ASP C 28 37.82 -19.15 -4.05
C ASP C 28 37.57 -19.36 -2.56
N ILE C 29 36.64 -20.23 -2.20
CA ILE C 29 36.39 -20.49 -0.78
C ILE C 29 36.78 -21.91 -0.36
N ASN C 30 37.35 -22.70 -1.27
CA ASN C 30 37.97 -23.97 -0.91
C ASN C 30 36.97 -24.93 -0.27
N LYS C 31 35.75 -24.94 -0.79
CA LYS C 31 34.69 -25.85 -0.38
C LYS C 31 34.21 -25.62 1.04
N TYR C 32 34.70 -24.57 1.71
CA TYR C 32 34.32 -24.31 3.10
C TYR C 32 32.98 -23.55 3.11
N ILE C 33 31.93 -24.27 2.70
CA ILE C 33 30.59 -23.72 2.62
C ILE C 33 29.63 -24.64 3.36
N ALA C 34 28.62 -24.04 3.98
CA ALA C 34 27.61 -24.79 4.72
C ALA C 34 26.22 -24.31 4.30
N TRP C 35 25.22 -25.12 4.61
CA TRP C 35 23.84 -24.81 4.24
C TRP C 35 22.95 -24.99 5.45
N TYR C 36 22.12 -23.97 5.70
CA TYR C 36 21.21 -23.94 6.84
C TYR C 36 19.77 -23.82 6.38
N GLN C 37 18.88 -24.40 7.17
CA GLN C 37 17.43 -24.27 7.00
C GLN C 37 16.89 -23.47 8.18
N HIS C 38 16.01 -22.51 7.90
CA HIS C 38 15.43 -21.66 8.94
C HIS C 38 13.92 -21.67 8.82
N LYS C 39 13.27 -22.19 9.85
CA LYS C 39 11.82 -22.21 9.92
C LYS C 39 11.38 -21.19 10.95
N PRO C 40 10.31 -20.45 10.67
CA PRO C 40 9.88 -19.40 11.61
C PRO C 40 9.60 -20.00 12.98
N GLY C 41 10.23 -19.40 13.99
CA GLY C 41 10.06 -19.82 15.37
C GLY C 41 11.09 -20.79 15.86
N LYS C 42 12.06 -21.17 15.03
CA LYS C 42 13.12 -22.08 15.44
C LYS C 42 14.45 -21.50 14.99
N GLY C 43 15.52 -21.88 15.70
CA GLY C 43 16.86 -21.43 15.38
C GLY C 43 17.40 -22.09 14.12
N PRO C 44 18.42 -21.52 13.50
CA PRO C 44 18.91 -22.07 12.23
C PRO C 44 19.41 -23.51 12.37
N ARG C 45 19.10 -24.33 11.36
CA ARG C 45 19.38 -25.77 11.39
C ARG C 45 20.41 -26.12 10.33
N LEU C 46 21.52 -26.70 10.77
CA LEU C 46 22.62 -27.05 9.88
C LEU C 46 22.29 -28.32 9.12
N LEU C 47 22.40 -28.27 7.80
CA LEU C 47 22.14 -29.42 6.93
C LEU C 47 23.42 -30.00 6.32
N ILE C 48 24.31 -29.15 5.82
CA ILE C 48 25.49 -29.54 5.08
C ILE C 48 26.63 -28.67 5.58
N HIS C 49 27.79 -29.27 5.77
CA HIS C 49 29.02 -28.52 5.90
C HIS C 49 30.01 -29.10 4.89
N TYR C 50 31.09 -28.35 4.65
CA TYR C 50 32.15 -28.67 3.68
C TYR C 50 31.58 -29.10 2.33
N THR C 51 30.67 -28.28 1.79
CA THR C 51 30.10 -28.42 0.44
C THR C 51 29.09 -29.56 0.33
N SER C 52 29.44 -30.77 0.77
CA SER C 52 28.54 -31.90 0.55
C SER C 52 28.50 -32.89 1.71
N SER C 53 28.99 -32.51 2.88
CA SER C 53 28.99 -33.41 4.03
C SER C 53 27.72 -33.22 4.84
N LEU C 54 26.79 -34.17 4.72
CA LEU C 54 25.53 -34.08 5.44
C LEU C 54 25.78 -34.19 6.94
N GLN C 55 24.89 -33.59 7.71
CA GLN C 55 24.89 -33.75 9.16
C GLN C 55 24.23 -35.07 9.53
N PRO C 56 24.60 -35.64 10.67
CA PRO C 56 23.90 -36.83 11.15
C PRO C 56 22.47 -36.47 11.48
N GLY C 57 21.55 -37.35 11.09
CA GLY C 57 20.14 -37.09 11.26
C GLY C 57 19.47 -36.44 10.06
N ILE C 58 20.24 -36.04 9.05
CA ILE C 58 19.66 -35.38 7.89
C ILE C 58 19.39 -36.40 6.78
N PRO C 59 18.20 -36.40 6.18
CA PRO C 59 17.92 -37.37 5.12
C PRO C 59 18.79 -37.16 3.90
N SER C 60 18.95 -38.23 3.14
CA SER C 60 19.80 -38.18 1.95
C SER C 60 19.14 -37.44 0.80
N ARG C 61 17.90 -36.97 0.93
CA ARG C 61 17.34 -36.16 -0.15
C ARG C 61 18.03 -34.81 -0.24
N PHE C 62 18.61 -34.32 0.85
CA PHE C 62 19.41 -33.12 0.82
C PHE C 62 20.81 -33.46 0.29
N SER C 63 21.35 -32.58 -0.54
CA SER C 63 22.63 -32.85 -1.15
C SER C 63 23.33 -31.55 -1.51
N GLY C 64 24.65 -31.62 -1.58
CA GLY C 64 25.44 -30.48 -1.95
C GLY C 64 26.57 -30.87 -2.88
N SER C 65 27.10 -29.87 -3.57
CA SER C 65 28.16 -30.08 -4.53
C SER C 65 28.73 -28.72 -4.91
N GLY C 66 29.92 -28.76 -5.50
CA GLY C 66 30.59 -27.55 -5.95
C GLY C 66 32.02 -27.48 -5.47
N SER C 67 32.72 -26.49 -6.01
CA SER C 67 34.12 -26.29 -5.68
C SER C 67 34.53 -24.90 -6.15
N GLY C 68 35.60 -24.41 -5.55
CA GLY C 68 36.17 -23.14 -5.92
C GLY C 68 35.25 -21.99 -5.61
N ARG C 69 34.36 -21.66 -6.55
CA ARG C 69 33.52 -20.49 -6.39
C ARG C 69 32.06 -20.87 -6.54
N ASP C 70 31.78 -21.91 -7.33
CA ASP C 70 30.41 -22.25 -7.67
C ASP C 70 29.94 -23.39 -6.80
N TYR C 71 28.83 -23.18 -6.09
CA TYR C 71 28.27 -24.19 -5.19
C TYR C 71 26.78 -24.31 -5.42
N SER C 72 26.25 -25.50 -5.17
CA SER C 72 24.84 -25.77 -5.39
C SER C 72 24.31 -26.65 -4.27
N PHE C 73 23.04 -26.48 -3.96
CA PHE C 73 22.40 -27.23 -2.90
C PHE C 73 21.05 -27.71 -3.39
N SER C 74 20.74 -28.99 -3.16
CA SER C 74 19.53 -29.57 -3.72
C SER C 74 18.70 -30.27 -2.66
N ILE C 75 17.38 -30.19 -2.81
CA ILE C 75 16.41 -30.97 -2.06
C ILE C 75 15.54 -31.71 -3.06
N SER C 76 15.44 -33.02 -2.91
CA SER C 76 14.64 -33.85 -3.80
C SER C 76 13.52 -34.51 -3.01
N ASN C 77 12.52 -35.02 -3.73
CA ASN C 77 11.32 -35.63 -3.13
C ASN C 77 10.72 -34.75 -2.04
N LEU C 78 10.42 -33.50 -2.42
CA LEU C 78 10.04 -32.46 -1.46
C LEU C 78 8.79 -32.81 -0.66
N GLU C 79 8.87 -32.63 0.64
CA GLU C 79 7.77 -32.83 1.55
C GLU C 79 7.28 -31.49 2.05
N PRO C 80 6.04 -31.40 2.51
CA PRO C 80 5.58 -30.11 3.06
C PRO C 80 6.44 -29.64 4.21
N GLU C 81 7.05 -30.57 4.98
CA GLU C 81 7.92 -30.19 6.09
C GLU C 81 9.14 -29.43 5.64
N ASP C 82 9.42 -29.37 4.35
CA ASP C 82 10.58 -28.66 3.86
C ASP C 82 10.26 -27.20 3.54
N ILE C 83 9.05 -26.74 3.83
CA ILE C 83 8.72 -25.33 3.62
C ILE C 83 9.47 -24.52 4.66
N ALA C 84 10.47 -23.76 4.22
CA ALA C 84 11.28 -22.91 5.09
C ALA C 84 12.11 -21.98 4.22
N THR C 85 13.09 -21.32 4.83
CA THR C 85 14.07 -20.52 4.11
C THR C 85 15.47 -21.14 4.29
N TYR C 86 16.25 -21.16 3.20
CA TYR C 86 17.53 -21.84 3.16
C TYR C 86 18.65 -20.85 2.88
N TYR C 87 19.76 -21.01 3.59
CA TYR C 87 20.92 -20.12 3.45
C TYR C 87 22.22 -20.91 3.28
N CYS C 88 23.09 -20.40 2.42
CA CYS C 88 24.46 -20.86 2.35
C CYS C 88 25.31 -19.96 3.25
N LEU C 89 26.46 -20.48 3.65
CA LEU C 89 27.37 -19.73 4.52
C LEU C 89 28.79 -20.12 4.17
N GLN C 90 29.59 -19.15 3.73
CA GLN C 90 31.00 -19.40 3.54
C GLN C 90 31.69 -19.19 4.88
N TYR C 91 32.61 -20.10 5.21
CA TYR C 91 33.46 -19.98 6.39
C TYR C 91 34.92 -20.21 6.01
N ASP C 92 35.26 -19.94 4.74
CA ASP C 92 36.65 -19.99 4.31
C ASP C 92 37.48 -18.93 5.01
N ASN C 93 36.99 -17.69 5.04
CA ASN C 93 37.68 -16.62 5.74
C ASN C 93 36.63 -15.72 6.38
N LEU C 94 36.50 -15.80 7.69
CA LEU C 94 35.40 -15.12 8.40
C LEU C 94 34.10 -15.74 7.91
N TYR C 95 32.99 -15.00 7.93
CA TYR C 95 31.67 -15.56 7.65
C TYR C 95 30.84 -14.66 6.73
N THR C 96 30.08 -15.29 5.84
CA THR C 96 29.19 -14.57 4.95
C THR C 96 28.01 -15.46 4.61
N PHE C 97 26.80 -15.04 4.97
CA PHE C 97 25.60 -15.76 4.61
C PHE C 97 25.14 -15.34 3.24
N GLY C 98 24.58 -16.28 2.49
CA GLY C 98 23.87 -15.94 1.28
C GLY C 98 22.56 -15.24 1.60
N GLY C 99 21.94 -14.70 0.54
CA GLY C 99 20.73 -13.91 0.72
C GLY C 99 19.55 -14.70 1.24
N GLY C 100 19.53 -16.00 0.98
CA GLY C 100 18.41 -16.81 1.42
C GLY C 100 17.50 -17.19 0.25
N THR C 101 16.72 -18.26 0.47
CA THR C 101 15.80 -18.76 -0.54
C THR C 101 14.58 -19.31 0.18
N LYS C 102 13.43 -18.63 0.01
CA LYS C 102 12.18 -19.11 0.52
C LYS C 102 11.69 -20.21 -0.41
N LEU C 103 11.29 -21.34 0.16
CA LEU C 103 10.80 -22.49 -0.59
C LEU C 103 9.31 -22.68 -0.34
N GLU C 104 8.55 -22.81 -1.42
CA GLU C 104 7.12 -23.08 -1.34
C GLU C 104 6.85 -24.41 -2.03
N ILE C 105 5.92 -25.18 -1.47
CA ILE C 105 5.49 -26.44 -2.07
C ILE C 105 4.11 -26.23 -2.67
N LYS C 106 3.96 -26.59 -3.93
CA LYS C 106 2.70 -26.37 -4.64
C LYS C 106 1.61 -27.29 -4.10
N ARG C 107 0.36 -26.95 -4.42
CA ARG C 107 -0.78 -27.79 -4.08
C ARG C 107 -1.93 -27.41 -5.01
N ALA C 108 -3.06 -28.09 -4.85
CA ALA C 108 -4.21 -27.77 -5.68
C ALA C 108 -4.77 -26.41 -5.28
N ASP C 109 -5.35 -25.72 -6.26
CA ASP C 109 -5.93 -24.41 -5.99
C ASP C 109 -6.95 -24.52 -4.86
N ALA C 110 -7.07 -23.46 -4.08
CA ALA C 110 -8.04 -23.43 -2.99
C ALA C 110 -8.65 -22.05 -2.91
N ALA C 111 -9.96 -21.98 -2.83
CA ALA C 111 -10.53 -20.66 -2.64
C ALA C 111 -10.48 -20.30 -1.17
N PRO C 112 -10.29 -19.03 -0.84
CA PRO C 112 -10.24 -18.63 0.56
C PRO C 112 -11.62 -18.62 1.19
N THR C 113 -11.66 -18.84 2.50
CA THR C 113 -12.83 -18.60 3.31
C THR C 113 -12.80 -17.15 3.78
N VAL C 114 -13.81 -16.38 3.43
CA VAL C 114 -13.82 -14.95 3.70
C VAL C 114 -14.78 -14.68 4.84
N SER C 115 -14.36 -13.78 5.74
CA SER C 115 -15.15 -13.31 6.85
C SER C 115 -14.90 -11.82 7.02
N ILE C 116 -15.97 -11.06 7.13
CA ILE C 116 -15.89 -9.62 7.34
C ILE C 116 -16.43 -9.30 8.73
N PHE C 117 -15.85 -8.26 9.35
CA PHE C 117 -16.19 -7.88 10.71
C PHE C 117 -16.37 -6.38 10.77
N PRO C 118 -17.51 -5.88 11.23
CA PRO C 118 -17.65 -4.45 11.42
C PRO C 118 -16.83 -4.03 12.62
N PRO C 119 -16.59 -2.73 12.81
CA PRO C 119 -15.93 -2.28 14.04
C PRO C 119 -16.73 -2.72 15.25
N SER C 120 -16.02 -3.02 16.32
CA SER C 120 -16.69 -3.35 17.57
C SER C 120 -17.17 -2.08 18.24
N SER C 121 -18.19 -2.22 19.10
CA SER C 121 -18.65 -1.06 19.84
C SER C 121 -17.55 -0.43 20.70
N GLU C 122 -16.68 -1.26 21.28
CA GLU C 122 -15.61 -0.67 22.10
C GLU C 122 -14.72 0.27 21.30
N GLN C 123 -14.33 -0.13 20.10
CA GLN C 123 -13.48 0.75 19.30
C GLN C 123 -14.25 2.00 18.91
N LEU C 124 -15.55 1.87 18.62
CA LEU C 124 -16.32 3.03 18.22
C LEU C 124 -16.39 4.04 19.35
N THR C 125 -16.47 3.59 20.61
CA THR C 125 -16.51 4.56 21.69
C THR C 125 -15.21 5.34 21.82
N SER C 126 -14.12 4.91 21.16
CA SER C 126 -12.85 5.61 21.21
C SER C 126 -12.58 6.43 19.96
N GLY C 127 -13.50 6.45 19.00
CA GLY C 127 -13.35 7.28 17.85
C GLY C 127 -12.80 6.57 16.62
N GLY C 128 -12.44 5.30 16.73
CA GLY C 128 -11.84 4.61 15.60
C GLY C 128 -12.76 3.55 15.05
N ALA C 129 -12.53 3.16 13.81
CA ALA C 129 -13.40 2.17 13.18
C ALA C 129 -12.54 1.35 12.24
N SER C 130 -12.19 0.14 12.66
CA SER C 130 -11.44 -0.78 11.82
C SER C 130 -12.42 -1.84 11.33
N VAL C 131 -12.50 -2.01 10.01
CA VAL C 131 -13.27 -3.07 9.40
C VAL C 131 -12.27 -4.15 9.02
N VAL C 132 -12.54 -5.38 9.43
CA VAL C 132 -11.55 -6.45 9.34
C VAL C 132 -12.07 -7.55 8.44
N CYS C 133 -11.20 -8.00 7.55
CA CYS C 133 -11.51 -9.09 6.63
C CYS C 133 -10.43 -10.16 6.66
N PHE C 134 -10.83 -11.41 6.85
CA PHE C 134 -9.93 -12.56 6.84
C PHE C 134 -10.14 -13.36 5.57
N LEU C 135 -9.04 -13.77 4.95
CA LEU C 135 -9.10 -14.65 3.77
C LEU C 135 -8.27 -15.88 4.14
N ASN C 136 -8.92 -16.98 4.51
CA ASN C 136 -8.22 -18.10 5.12
C ASN C 136 -8.13 -19.32 4.21
N ASN C 137 -6.94 -19.93 4.22
CA ASN C 137 -6.64 -21.25 3.67
C ASN C 137 -6.85 -21.31 2.15
N PHE C 138 -6.09 -20.49 1.45
CA PHE C 138 -6.15 -20.46 0.00
C PHE C 138 -4.78 -20.73 -0.59
N TYR C 139 -4.78 -21.02 -1.90
CA TYR C 139 -3.60 -21.24 -2.70
C TYR C 139 -3.99 -20.88 -4.13
N PRO C 140 -3.11 -20.20 -4.88
CA PRO C 140 -1.78 -19.72 -4.52
C PRO C 140 -1.79 -18.37 -3.79
N LYS C 141 -0.60 -17.82 -3.48
CA LYS C 141 -0.52 -16.58 -2.72
C LYS C 141 -0.95 -15.35 -3.52
N ASP C 142 -1.18 -15.47 -4.82
CA ASP C 142 -1.62 -14.31 -5.60
C ASP C 142 -3.11 -14.10 -5.38
N ILE C 143 -3.47 -13.11 -4.59
CA ILE C 143 -4.88 -12.81 -4.32
C ILE C 143 -4.99 -11.33 -4.04
N ASN C 144 -6.08 -10.72 -4.50
CA ASN C 144 -6.23 -9.29 -4.37
C ASN C 144 -7.52 -8.98 -3.62
N VAL C 145 -7.43 -8.02 -2.70
CA VAL C 145 -8.57 -7.61 -1.91
C VAL C 145 -8.98 -6.22 -2.37
N LYS C 146 -10.26 -6.06 -2.66
CA LYS C 146 -10.84 -4.78 -3.00
C LYS C 146 -11.90 -4.45 -1.96
N TRP C 147 -11.80 -3.26 -1.38
CA TRP C 147 -12.80 -2.80 -0.44
C TRP C 147 -13.72 -1.85 -1.18
N LYS C 148 -15.01 -2.02 -0.98
CA LYS C 148 -16.02 -1.20 -1.61
C LYS C 148 -16.87 -0.59 -0.50
N ILE C 149 -17.01 0.73 -0.51
CA ILE C 149 -17.81 1.45 0.46
C ILE C 149 -18.96 2.09 -0.30
N ASP C 150 -20.18 1.69 0.04
CA ASP C 150 -21.38 2.15 -0.65
C ASP C 150 -21.32 1.81 -2.12
N GLY C 151 -20.69 0.68 -2.43
CA GLY C 151 -20.64 0.17 -3.79
C GLY C 151 -19.47 0.62 -4.64
N SER C 152 -18.69 1.62 -4.22
CA SER C 152 -17.54 2.08 -5.00
C SER C 152 -16.20 1.68 -4.37
N GLU C 153 -15.18 1.49 -5.21
CA GLU C 153 -13.91 1.03 -4.66
C GLU C 153 -13.25 2.14 -3.85
N ARG C 154 -12.60 1.71 -2.75
CA ARG C 154 -11.86 2.55 -1.81
C ARG C 154 -10.52 1.89 -1.53
N GLN C 155 -9.43 2.63 -1.68
CA GLN C 155 -8.13 2.06 -1.39
C GLN C 155 -7.43 2.72 -0.22
N ASN C 156 -7.78 3.95 0.16
CA ASN C 156 -7.01 4.61 1.19
C ASN C 156 -7.34 3.99 2.55
N GLY C 157 -6.30 3.68 3.32
CA GLY C 157 -6.48 3.21 4.67
C GLY C 157 -6.54 1.71 4.83
N VAL C 158 -5.95 0.95 3.92
CA VAL C 158 -5.95 -0.51 3.95
C VAL C 158 -4.58 -1.02 4.35
N LEU C 159 -4.53 -1.96 5.29
CA LEU C 159 -3.31 -2.60 5.69
C LEU C 159 -3.52 -4.11 5.64
N ASN C 160 -2.57 -4.81 5.03
CA ASN C 160 -2.68 -6.24 4.72
C ASN C 160 -1.54 -7.02 5.37
N SER C 161 -1.81 -8.27 5.70
CA SER C 161 -0.83 -9.14 6.35
C SER C 161 -1.11 -10.59 5.96
N TRP C 162 -0.10 -11.26 5.43
CA TRP C 162 -0.16 -12.67 5.07
C TRP C 162 0.60 -13.51 6.09
N THR C 163 0.10 -14.71 6.32
CA THR C 163 0.87 -15.67 7.10
C THR C 163 1.84 -16.39 6.19
N ASP C 164 2.81 -17.07 6.80
CA ASP C 164 3.63 -17.97 6.01
C ASP C 164 2.83 -19.19 5.56
N GLN C 165 3.33 -19.90 4.56
CA GLN C 165 2.64 -21.09 4.10
C GLN C 165 2.53 -22.11 5.21
N ASP C 166 1.33 -22.62 5.43
CA ASP C 166 1.09 -23.60 6.48
C ASP C 166 1.77 -24.90 6.09
N SER C 167 2.66 -25.39 6.96
CA SER C 167 3.45 -26.58 6.65
C SER C 167 2.66 -27.86 6.69
N LYS C 168 1.42 -27.84 7.19
CA LYS C 168 0.59 -29.02 7.24
C LYS C 168 -0.56 -28.91 6.27
N ASP C 169 -0.73 -27.74 5.63
CA ASP C 169 -1.82 -27.45 4.72
C ASP C 169 -1.35 -27.09 3.33
N SER C 170 -0.19 -26.45 3.23
CA SER C 170 0.29 -25.80 2.02
C SER C 170 -0.59 -24.63 1.57
N THR C 171 -1.48 -24.12 2.43
CA THR C 171 -2.28 -22.95 2.08
C THR C 171 -1.67 -21.69 2.66
N TYR C 172 -2.29 -20.56 2.32
CA TYR C 172 -1.98 -19.27 2.90
C TYR C 172 -3.22 -18.67 3.52
N SER C 173 -2.99 -17.74 4.43
CA SER C 173 -4.05 -16.94 5.01
C SER C 173 -3.65 -15.47 4.94
N MET C 174 -4.67 -14.61 4.85
CA MET C 174 -4.54 -13.18 4.64
C MET C 174 -5.52 -12.41 5.51
N SER C 175 -5.09 -11.25 5.97
CA SER C 175 -5.93 -10.38 6.77
C SER C 175 -5.89 -8.98 6.17
N SER C 176 -7.05 -8.37 5.99
CA SER C 176 -7.13 -7.03 5.42
C SER C 176 -7.95 -6.13 6.33
N THR C 177 -7.38 -4.99 6.70
CA THR C 177 -8.06 -4.05 7.59
C THR C 177 -8.25 -2.72 6.88
N LEU C 178 -9.50 -2.29 6.79
CA LEU C 178 -9.86 -0.95 6.33
C LEU C 178 -10.05 -0.12 7.59
N THR C 179 -9.14 0.83 7.84
CA THR C 179 -9.19 1.63 9.05
C THR C 179 -9.68 3.04 8.70
N LEU C 180 -10.77 3.44 9.34
CA LEU C 180 -11.37 4.75 9.18
C LEU C 180 -11.49 5.41 10.54
N THR C 181 -11.76 6.71 10.54
CA THR C 181 -12.25 7.32 11.76
C THR C 181 -13.73 6.97 11.94
N LYS C 182 -14.23 7.14 13.17
CA LYS C 182 -15.66 6.93 13.40
C LYS C 182 -16.51 7.91 12.60
N ASP C 183 -16.01 9.12 12.34
CA ASP C 183 -16.77 10.05 11.48
C ASP C 183 -16.90 9.53 10.07
N GLU C 184 -15.79 9.09 9.48
CA GLU C 184 -15.92 8.63 8.11
C GLU C 184 -16.69 7.32 8.04
N TYR C 185 -16.62 6.51 9.10
CA TYR C 185 -17.35 5.25 9.10
C TYR C 185 -18.85 5.48 9.09
N GLU C 186 -19.34 6.43 9.92
CA GLU C 186 -20.78 6.58 10.06
C GLU C 186 -21.44 7.31 8.90
N ARG C 187 -20.67 7.87 7.96
CA ARG C 187 -21.27 8.59 6.85
C ARG C 187 -21.55 7.72 5.62
N HIS C 188 -21.30 6.41 5.71
CA HIS C 188 -21.62 5.45 4.67
C HIS C 188 -22.30 4.24 5.32
N ASN C 189 -22.93 3.39 4.51
CA ASN C 189 -23.69 2.26 5.03
C ASN C 189 -23.13 0.88 4.71
N SER C 190 -22.80 0.60 3.46
CA SER C 190 -22.44 -0.74 3.06
C SER C 190 -20.92 -0.91 2.93
N TYR C 191 -20.39 -1.97 3.52
CA TYR C 191 -18.95 -2.28 3.50
C TYR C 191 -18.74 -3.70 2.98
N THR C 192 -17.82 -3.83 2.03
CA THR C 192 -17.66 -5.06 1.27
C THR C 192 -16.19 -5.42 1.19
N CYS C 193 -15.92 -6.69 1.48
CA CYS C 193 -14.61 -7.30 1.29
C CYS C 193 -14.75 -8.16 0.04
N GLU C 194 -13.90 -7.93 -0.95
CA GLU C 194 -14.01 -8.63 -2.22
C GLU C 194 -12.66 -9.22 -2.61
N ALA C 195 -12.62 -10.54 -2.86
CA ALA C 195 -11.40 -11.27 -3.15
C ALA C 195 -11.39 -11.83 -4.57
N THR C 196 -10.42 -11.41 -5.37
CA THR C 196 -10.17 -12.04 -6.67
C THR C 196 -8.84 -12.80 -6.64
N HIS C 197 -8.86 -14.01 -7.21
CA HIS C 197 -7.73 -14.96 -7.23
C HIS C 197 -7.10 -14.96 -8.61
N SER C 202 -13.62 -13.87 -11.43
CA SER C 202 -14.79 -14.09 -10.59
C SER C 202 -14.41 -14.06 -9.11
N PRO C 203 -14.95 -13.08 -8.40
CA PRO C 203 -14.55 -12.83 -7.02
C PRO C 203 -15.45 -13.52 -6.00
N ILE C 204 -15.02 -13.47 -4.75
CA ILE C 204 -15.83 -13.83 -3.60
C ILE C 204 -16.09 -12.55 -2.83
N VAL C 205 -17.36 -12.24 -2.56
CA VAL C 205 -17.74 -10.99 -1.90
C VAL C 205 -18.37 -11.29 -0.54
N LYS C 206 -18.04 -10.46 0.43
CA LYS C 206 -18.72 -10.47 1.72
C LYS C 206 -18.95 -9.04 2.15
N SER C 207 -20.12 -8.78 2.71
CA SER C 207 -20.50 -7.42 3.04
C SER C 207 -21.20 -7.40 4.38
N PHE C 208 -21.36 -6.19 4.91
CA PHE C 208 -22.34 -5.93 5.96
C PHE C 208 -22.91 -4.55 5.71
N ASN C 209 -24.06 -4.32 6.31
CA ASN C 209 -24.74 -3.03 6.30
C ASN C 209 -24.79 -2.54 7.73
N ARG C 210 -24.54 -1.26 7.93
CA ARG C 210 -24.64 -0.70 9.27
C ARG C 210 -26.09 -0.67 9.76
N ASN C 211 -26.91 -1.68 9.42
CA ASN C 211 -28.31 -1.72 9.81
C ASN C 211 -28.96 -0.40 9.45
N VAL D 2 24.25 -28.79 26.46
CA VAL D 2 24.97 -27.68 25.85
C VAL D 2 24.01 -26.61 25.32
N LYS D 3 24.08 -25.40 25.88
CA LYS D 3 23.13 -24.36 25.55
C LYS D 3 23.81 -22.99 25.57
N LEU D 4 23.18 -22.06 24.85
CA LEU D 4 23.60 -20.66 24.80
C LEU D 4 22.40 -19.79 25.19
N GLN D 5 22.53 -19.05 26.29
CA GLN D 5 21.43 -18.26 26.83
C GLN D 5 21.82 -16.78 26.81
N GLU D 6 21.06 -15.99 26.08
CA GLU D 6 21.34 -14.58 25.88
C GLU D 6 20.44 -13.71 26.75
N SER D 7 20.93 -12.50 27.05
CA SER D 7 20.20 -11.54 27.87
C SER D 7 20.07 -10.25 27.07
N GLY D 8 18.86 -9.68 27.11
CA GLY D 8 18.48 -8.56 26.28
C GLY D 8 19.40 -7.37 26.36
N GLY D 9 19.21 -6.39 25.47
CA GLY D 9 18.14 -6.48 24.50
C GLY D 9 16.94 -5.69 24.98
N GLY D 10 16.37 -4.91 24.07
CA GLY D 10 15.19 -4.10 24.34
C GLY D 10 15.10 -2.94 23.35
N LEU D 11 14.50 -1.85 23.81
CA LEU D 11 14.22 -0.69 22.97
C LEU D 11 15.20 0.42 23.33
N VAL D 12 15.75 1.06 22.30
CA VAL D 12 16.78 2.07 22.46
C VAL D 12 16.58 3.10 21.34
N GLN D 13 16.78 4.36 21.67
CA GLN D 13 16.59 5.38 20.66
C GLN D 13 17.81 5.44 19.74
N PRO D 14 17.64 5.94 18.51
CA PRO D 14 18.79 6.04 17.61
C PRO D 14 19.90 6.85 18.25
N GLY D 15 21.14 6.55 17.87
CA GLY D 15 22.29 7.03 18.60
C GLY D 15 22.45 6.49 19.99
N GLY D 16 21.55 5.63 20.46
CA GLY D 16 21.67 5.03 21.77
C GLY D 16 22.68 3.89 21.78
N SER D 17 22.73 3.20 22.93
CA SER D 17 23.71 2.16 23.14
C SER D 17 23.11 1.06 23.98
N LEU D 18 23.68 -0.15 23.85
CA LEU D 18 23.14 -1.33 24.50
C LEU D 18 24.20 -2.43 24.49
N LYS D 19 24.19 -3.26 25.54
CA LYS D 19 25.13 -4.36 25.70
C LYS D 19 24.37 -5.68 25.80
N LEU D 20 24.66 -6.61 24.88
CA LEU D 20 24.07 -7.95 24.92
C LEU D 20 25.08 -8.91 25.50
N SER D 21 24.58 -9.96 26.12
CA SER D 21 25.46 -10.95 26.69
C SER D 21 24.92 -12.33 26.38
N CYS D 22 25.82 -13.30 26.32
CA CYS D 22 25.51 -14.68 26.00
C CYS D 22 26.27 -15.59 26.97
N ALA D 23 25.54 -16.36 27.78
CA ALA D 23 26.14 -17.27 28.74
C ALA D 23 26.11 -18.69 28.20
N ALA D 24 27.26 -19.36 28.22
CA ALA D 24 27.43 -20.67 27.64
C ALA D 24 27.58 -21.72 28.74
N SER D 25 27.06 -22.93 28.46
CA SER D 25 27.18 -24.03 29.40
C SER D 25 27.22 -25.34 28.64
N GLY D 26 27.77 -26.36 29.28
CA GLY D 26 27.85 -27.67 28.70
C GLY D 26 29.15 -28.01 27.96
N PHE D 27 30.05 -27.04 27.72
CA PHE D 27 31.27 -27.30 26.96
C PHE D 27 32.40 -26.39 27.43
N THR D 28 33.56 -26.53 26.79
CA THR D 28 34.77 -25.82 27.20
C THR D 28 34.87 -24.50 26.45
N PHE D 29 34.30 -23.46 27.05
CA PHE D 29 34.20 -22.16 26.39
C PHE D 29 35.55 -21.64 25.92
N SER D 30 36.62 -21.94 26.68
CA SER D 30 37.91 -21.37 26.34
C SER D 30 38.46 -21.90 25.02
N SER D 31 37.97 -23.05 24.58
CA SER D 31 38.49 -23.75 23.41
C SER D 31 37.85 -23.32 22.08
N TYR D 32 36.81 -22.50 22.08
CA TYR D 32 36.15 -22.12 20.85
C TYR D 32 36.25 -20.61 20.61
N THR D 33 36.22 -20.22 19.33
CA THR D 33 35.92 -18.85 18.97
C THR D 33 34.42 -18.63 19.15
N MET D 34 33.98 -17.38 19.09
CA MET D 34 32.56 -17.09 19.23
C MET D 34 32.15 -15.96 18.30
N SER D 35 30.87 -15.93 17.94
CA SER D 35 30.40 -14.93 16.99
C SER D 35 29.02 -14.44 17.34
N TRP D 36 28.69 -13.27 16.79
CA TRP D 36 27.33 -12.72 16.81
C TRP D 36 26.79 -12.67 15.39
N VAL D 37 25.56 -13.17 15.22
CA VAL D 37 24.82 -13.15 13.97
C VAL D 37 23.46 -12.51 14.26
N ARG D 38 22.87 -11.86 13.26
CA ARG D 38 21.58 -11.20 13.42
C ARG D 38 20.64 -11.49 12.25
N GLN D 39 19.34 -11.49 12.54
CA GLN D 39 18.31 -11.65 11.51
C GLN D 39 17.51 -10.37 11.41
N THR D 40 17.66 -9.66 10.28
CA THR D 40 16.92 -8.46 10.01
C THR D 40 15.42 -8.78 9.96
N PRO D 41 14.55 -7.76 10.05
CA PRO D 41 13.12 -8.05 9.83
C PRO D 41 12.81 -8.46 8.42
N GLU D 42 13.67 -8.09 7.47
CA GLU D 42 13.55 -8.61 6.11
C GLU D 42 14.01 -10.08 5.96
N LYS D 43 14.21 -10.77 7.09
CA LYS D 43 14.56 -12.19 7.15
C LYS D 43 15.90 -12.48 6.47
N ARG D 44 16.89 -11.66 6.74
CA ARG D 44 18.22 -11.84 6.19
C ARG D 44 19.15 -12.11 7.35
N LEU D 45 19.98 -13.14 7.24
CA LEU D 45 20.91 -13.48 8.29
C LEU D 45 22.25 -12.91 7.92
N GLU D 46 22.93 -12.34 8.91
CA GLU D 46 24.14 -11.59 8.64
C GLU D 46 25.09 -11.76 9.82
N TRP D 47 26.32 -12.18 9.53
CA TRP D 47 27.35 -12.28 10.56
C TRP D 47 27.80 -10.88 10.99
N VAL D 48 27.98 -10.70 12.30
CA VAL D 48 28.08 -9.37 12.87
C VAL D 48 29.39 -9.16 13.64
N ALA D 49 29.89 -10.20 14.28
CA ALA D 49 31.11 -10.00 15.05
C ALA D 49 31.78 -11.34 15.30
N TYR D 50 33.11 -11.32 15.39
CA TYR D 50 33.88 -12.52 15.68
C TYR D 50 34.96 -12.20 16.70
N ILE D 51 35.10 -13.08 17.69
CA ILE D 51 36.20 -13.04 18.63
C ILE D 51 36.90 -14.40 18.63
N SER D 52 38.19 -14.40 18.91
CA SER D 52 38.90 -15.66 18.96
C SER D 52 38.91 -16.19 20.39
N ASN D 53 39.35 -17.43 20.52
CA ASN D 53 39.43 -18.06 21.83
C ASN D 53 40.39 -17.28 22.74
N GLY D 57 42.28 -11.44 19.21
CA GLY D 57 41.74 -11.49 17.86
C GLY D 57 40.24 -11.18 17.74
N THR D 58 39.91 -10.08 17.04
CA THR D 58 38.54 -9.56 16.93
C THR D 58 38.30 -8.99 15.53
N TYR D 59 37.14 -9.29 14.94
CA TYR D 59 36.79 -8.80 13.60
C TYR D 59 35.30 -8.50 13.49
N TYR D 60 34.97 -7.56 12.60
CA TYR D 60 33.62 -7.07 12.37
C TYR D 60 33.45 -6.81 10.88
N PRO D 61 32.22 -6.84 10.38
CA PRO D 61 31.97 -6.49 8.97
C PRO D 61 31.97 -4.98 8.77
N ASP D 62 31.86 -4.59 7.50
CA ASP D 62 31.92 -3.18 7.15
C ASP D 62 30.73 -2.42 7.72
N THR D 63 29.56 -3.04 7.75
CA THR D 63 28.33 -2.44 8.26
C THR D 63 28.33 -2.19 9.76
N VAL D 64 29.43 -2.36 10.49
CA VAL D 64 29.31 -2.34 11.94
C VAL D 64 30.63 -1.91 12.57
N LYS D 65 31.72 -2.05 11.83
CA LYS D 65 33.05 -1.83 12.40
C LYS D 65 33.13 -0.39 12.91
N GLY D 66 33.73 -0.24 14.09
CA GLY D 66 33.76 1.05 14.74
C GLY D 66 32.64 1.24 15.74
N ARG D 67 31.46 0.68 15.47
CA ARG D 67 30.35 0.87 16.41
C ARG D 67 30.15 -0.29 17.39
N PHE D 68 30.42 -1.53 16.99
CA PHE D 68 30.23 -2.66 17.87
C PHE D 68 31.58 -3.15 18.38
N THR D 69 31.55 -3.76 19.56
CA THR D 69 32.77 -4.32 20.14
C THR D 69 32.40 -5.63 20.81
N ILE D 70 32.92 -6.75 20.26
CA ILE D 70 32.73 -8.08 20.82
C ILE D 70 33.81 -8.33 21.86
N SER D 71 33.45 -9.04 22.93
CA SER D 71 34.38 -9.30 24.01
C SER D 71 33.92 -10.56 24.72
N ARG D 72 34.83 -11.14 25.50
CA ARG D 72 34.53 -12.38 26.21
C ARG D 72 35.30 -12.38 27.52
N ASP D 73 34.91 -13.27 28.40
CA ASP D 73 35.56 -13.37 29.71
C ASP D 73 36.16 -14.73 29.98
N ASN D 74 35.47 -15.81 29.60
CA ASN D 74 35.95 -17.20 29.73
C ASN D 74 35.89 -17.69 31.17
N ALA D 75 36.36 -16.89 32.13
CA ALA D 75 36.27 -17.31 33.51
C ALA D 75 34.82 -17.47 33.95
N LYS D 76 33.91 -16.63 33.41
CA LYS D 76 32.49 -16.75 33.70
C LYS D 76 31.72 -17.31 32.53
N ASN D 77 32.40 -17.82 31.51
CA ASN D 77 31.76 -18.46 30.35
C ASN D 77 30.69 -17.57 29.73
N THR D 78 31.08 -16.34 29.41
CA THR D 78 30.15 -15.41 28.82
C THR D 78 30.83 -14.64 27.69
N LEU D 79 30.04 -14.35 26.67
CA LEU D 79 30.43 -13.51 25.55
C LEU D 79 29.54 -12.27 25.59
N TYR D 80 30.07 -11.15 25.14
CA TYR D 80 29.36 -9.87 25.19
C TYR D 80 29.34 -9.23 23.81
N LEU D 81 28.38 -8.32 23.62
CA LEU D 81 28.35 -7.50 22.43
C LEU D 81 27.90 -6.11 22.85
N GLN D 82 28.80 -5.14 22.66
CA GLN D 82 28.56 -3.77 23.07
C GLN D 82 28.29 -2.97 21.80
N MET D 83 27.12 -2.33 21.75
CA MET D 83 26.67 -1.60 20.57
C MET D 83 26.44 -0.14 20.92
N ASN D 84 27.01 0.76 20.11
CA ASN D 84 26.88 2.20 20.28
C ASN D 84 26.50 2.80 18.94
N SER D 85 25.95 4.02 18.96
CA SER D 85 25.52 4.68 17.73
C SER D 85 24.54 3.79 16.96
N LEU D 86 23.56 3.28 17.70
CA LEU D 86 22.65 2.30 17.11
C LEU D 86 21.74 2.96 16.08
N LYS D 87 21.26 2.14 15.13
CA LYS D 87 20.35 2.61 14.07
C LYS D 87 19.29 1.56 13.73
N ASP D 89 19.90 -1.39 12.48
CA ASP D 89 20.46 -2.37 13.40
C ASP D 89 19.38 -3.12 14.12
N THR D 90 18.13 -2.87 13.74
CA THR D 90 17.01 -3.54 14.37
C THR D 90 16.94 -4.97 13.88
N ALA D 91 17.05 -5.93 14.78
CA ALA D 91 17.07 -7.33 14.36
C ALA D 91 16.98 -8.23 15.57
N MET D 92 16.91 -9.52 15.31
CA MET D 92 17.09 -10.54 16.32
C MET D 92 18.56 -10.91 16.37
N TYR D 93 19.13 -10.94 17.58
CA TYR D 93 20.56 -11.17 17.76
C TYR D 93 20.79 -12.54 18.38
N TYR D 94 21.64 -13.33 17.73
CA TYR D 94 22.01 -14.67 18.14
C TYR D 94 23.50 -14.70 18.45
N CYS D 95 23.89 -15.34 19.55
CA CYS D 95 25.28 -15.75 19.73
C CYS D 95 25.42 -17.16 19.21
N ALA D 96 26.48 -17.40 18.41
CA ALA D 96 26.66 -18.69 17.76
C ALA D 96 28.04 -19.24 18.06
N ARG D 97 28.14 -20.55 18.22
CA ARG D 97 29.43 -21.14 18.50
C ARG D 97 29.84 -22.07 17.36
N PRO D 98 31.07 -21.97 16.87
CA PRO D 98 31.53 -22.88 15.81
C PRO D 98 31.59 -24.32 16.29
N SER D 99 31.63 -25.22 15.30
CA SER D 99 31.52 -26.65 15.55
C SER D 99 32.79 -27.29 16.07
N ARG D 100 33.93 -26.59 16.06
CA ARG D 100 35.20 -27.19 16.42
C ARG D 100 36.08 -26.17 17.13
N GLY D 101 36.99 -26.67 17.96
CA GLY D 101 37.86 -25.78 18.71
C GLY D 101 39.05 -25.27 17.91
N GLY D 102 39.64 -24.18 18.39
CA GLY D 102 40.78 -23.56 17.74
C GLY D 102 40.39 -22.29 17.02
N SER D 103 41.43 -21.54 16.65
CA SER D 103 41.27 -20.23 16.06
C SER D 103 41.05 -20.25 14.55
N SER D 104 40.75 -21.41 13.97
CA SER D 104 40.30 -21.47 12.59
C SER D 104 38.80 -21.20 12.53
N TYR D 105 38.31 -20.83 11.34
CA TYR D 105 36.90 -20.48 11.15
C TYR D 105 36.09 -21.74 10.87
N TRP D 106 35.06 -21.97 11.69
CA TRP D 106 34.18 -23.12 11.51
C TRP D 106 32.72 -22.68 11.42
N TYR D 107 31.98 -23.34 10.52
CA TYR D 107 30.54 -23.13 10.45
C TYR D 107 29.95 -23.28 11.85
N PHE D 108 28.84 -22.60 12.10
CA PHE D 108 28.23 -22.62 13.42
C PHE D 108 27.33 -23.85 13.54
N ASP D 109 27.30 -24.44 14.74
CA ASP D 109 26.44 -25.59 14.99
C ASP D 109 25.65 -25.53 16.29
N VAL D 110 25.83 -24.49 17.11
CA VAL D 110 24.94 -24.28 18.26
C VAL D 110 24.59 -22.79 18.34
N TRP D 111 23.29 -22.51 18.45
CA TRP D 111 22.77 -21.16 18.46
C TRP D 111 21.96 -20.89 19.72
N GLY D 112 22.13 -19.70 20.28
CA GLY D 112 21.27 -19.26 21.36
C GLY D 112 19.87 -18.95 20.87
N ALA D 113 18.97 -18.73 21.83
CA ALA D 113 17.57 -18.51 21.45
C ALA D 113 17.38 -17.18 20.73
N GLY D 114 18.12 -16.16 21.14
CA GLY D 114 18.07 -14.87 20.47
C GLY D 114 17.28 -13.81 21.22
N THR D 115 17.82 -12.60 21.29
CA THR D 115 17.11 -11.47 21.89
C THR D 115 16.84 -10.38 20.86
N THR D 116 15.67 -9.77 20.96
CA THR D 116 15.30 -8.72 20.03
C THR D 116 15.88 -7.38 20.49
N VAL D 117 16.31 -6.58 19.52
CA VAL D 117 16.79 -5.23 19.75
C VAL D 117 16.06 -4.32 18.78
N THR D 118 15.30 -3.37 19.32
CA THR D 118 14.55 -2.41 18.50
C THR D 118 15.17 -1.03 18.71
N VAL D 119 15.52 -0.37 17.59
CA VAL D 119 16.16 0.94 17.59
C VAL D 119 15.15 1.91 16.98
N SER D 120 14.48 2.69 17.85
CA SER D 120 13.41 3.55 17.40
C SER D 120 13.25 4.72 18.34
N SER D 121 12.78 5.84 17.79
CA SER D 121 12.40 7.00 18.59
C SER D 121 10.95 6.95 19.02
N ALA D 122 10.37 5.77 19.20
CA ALA D 122 9.00 5.65 19.68
C ALA D 122 8.99 5.10 21.09
N LYS D 123 7.84 5.17 21.72
CA LYS D 123 7.72 4.86 23.14
C LYS D 123 6.76 3.70 23.35
N THR D 124 7.03 2.93 24.40
CA THR D 124 6.27 1.74 24.71
C THR D 124 4.80 2.07 24.93
N THR D 125 3.93 1.32 24.27
CA THR D 125 2.50 1.55 24.36
C THR D 125 1.78 0.21 24.48
N PRO D 126 0.90 0.05 25.45
CA PRO D 126 0.09 -1.17 25.54
C PRO D 126 -0.89 -1.26 24.37
N PRO D 127 -1.36 -2.46 24.06
CA PRO D 127 -2.35 -2.59 22.98
C PRO D 127 -3.76 -2.32 23.47
N SER D 128 -4.62 -2.03 22.50
CA SER D 128 -6.06 -2.06 22.67
C SER D 128 -6.52 -3.38 22.05
N VAL D 129 -7.40 -4.09 22.73
CA VAL D 129 -7.84 -5.39 22.29
C VAL D 129 -9.32 -5.31 21.95
N TYR D 130 -9.67 -5.66 20.72
CA TYR D 130 -11.04 -5.53 20.27
C TYR D 130 -11.59 -6.89 19.85
N PRO D 131 -12.80 -7.24 20.28
CA PRO D 131 -13.37 -8.53 19.88
C PRO D 131 -14.03 -8.43 18.52
N LEU D 132 -13.88 -9.47 17.72
CA LEU D 132 -14.41 -9.50 16.37
C LEU D 132 -15.51 -10.57 16.28
N ALA D 133 -16.76 -10.13 16.35
CA ALA D 133 -17.94 -10.97 16.26
C ALA D 133 -18.63 -10.75 14.92
N PRO D 134 -19.23 -11.79 14.32
CA PRO D 134 -19.88 -11.63 13.00
C PRO D 134 -20.92 -10.50 12.93
N SER D 142 -21.89 -23.20 7.95
CA SER D 142 -21.70 -24.45 8.68
C SER D 142 -20.59 -24.37 9.76
N MET D 143 -19.62 -23.46 9.58
CA MET D 143 -18.63 -23.18 10.61
C MET D 143 -18.50 -21.67 10.75
N VAL D 144 -18.11 -21.22 11.94
CA VAL D 144 -18.11 -19.78 12.24
C VAL D 144 -16.69 -19.32 12.55
N THR D 145 -16.38 -18.11 12.12
CA THR D 145 -15.07 -17.51 12.31
C THR D 145 -15.17 -16.34 13.28
N LEU D 146 -14.25 -16.30 14.24
CA LEU D 146 -14.16 -15.20 15.19
C LEU D 146 -12.76 -14.62 15.13
N GLY D 147 -12.60 -13.45 15.74
CA GLY D 147 -11.29 -12.84 15.77
C GLY D 147 -11.16 -11.84 16.89
N CYS D 148 -9.93 -11.35 17.05
CA CYS D 148 -9.75 -10.15 17.85
C CYS D 148 -8.58 -9.34 17.30
N LEU D 149 -8.71 -8.03 17.43
CA LEU D 149 -7.81 -7.06 16.84
C LEU D 149 -6.95 -6.43 17.92
N VAL D 150 -5.65 -6.42 17.70
CA VAL D 150 -4.67 -5.93 18.67
C VAL D 150 -4.02 -4.71 18.05
N LYS D 151 -4.40 -3.54 18.54
CA LYS D 151 -4.13 -2.27 17.87
C LYS D 151 -3.32 -1.33 18.74
N GLY D 152 -2.34 -0.68 18.12
CA GLY D 152 -1.58 0.40 18.71
C GLY D 152 -0.63 0.07 19.86
N TYR D 153 0.37 -0.77 19.60
CA TYR D 153 1.35 -1.08 20.61
C TYR D 153 2.75 -0.89 20.05
N PHE D 154 3.72 -0.89 20.96
CA PHE D 154 5.13 -0.75 20.65
C PHE D 154 5.89 -1.18 21.89
N PRO D 155 6.97 -1.95 21.78
CA PRO D 155 7.53 -2.52 20.55
C PRO D 155 7.03 -3.97 20.34
N GLU D 156 7.82 -4.84 19.59
CA GLU D 156 7.36 -6.21 19.40
C GLU D 156 7.92 -7.10 20.48
N PRO D 157 7.24 -8.21 20.84
CA PRO D 157 6.04 -8.81 20.27
C PRO D 157 4.81 -8.74 21.13
N VAL D 158 3.78 -9.45 20.66
CA VAL D 158 2.57 -9.75 21.42
C VAL D 158 2.38 -11.26 21.36
N THR D 159 1.84 -11.83 22.41
CA THR D 159 1.50 -13.24 22.44
C THR D 159 -0.02 -13.32 22.46
N VAL D 160 -0.58 -14.04 21.49
CA VAL D 160 -2.03 -14.21 21.38
C VAL D 160 -2.38 -15.68 21.54
N THR D 161 -3.35 -15.97 22.40
CA THR D 161 -3.85 -17.34 22.54
C THR D 161 -5.37 -17.30 22.57
N TRP D 162 -5.96 -18.47 22.39
CA TRP D 162 -7.41 -18.66 22.44
C TRP D 162 -7.69 -19.74 23.49
N ASN D 163 -8.35 -19.36 24.58
CA ASN D 163 -8.66 -20.29 25.66
C ASN D 163 -7.43 -21.02 26.25
N LEU D 167 -7.76 -24.02 22.45
CA LEU D 167 -7.90 -23.80 21.00
C LEU D 167 -6.59 -23.50 20.29
N SER D 168 -6.14 -24.46 19.48
CA SER D 168 -4.90 -24.31 18.72
C SER D 168 -5.13 -24.54 17.23
N SER D 169 -6.11 -25.39 16.90
CA SER D 169 -6.48 -25.62 15.51
C SER D 169 -7.48 -24.59 15.02
N GLY D 170 -7.41 -24.27 13.72
CA GLY D 170 -8.31 -23.29 13.15
C GLY D 170 -7.98 -21.88 13.55
N VAL D 171 -6.73 -21.64 13.98
CA VAL D 171 -6.25 -20.36 14.44
C VAL D 171 -5.25 -19.80 13.43
N HIS D 172 -5.41 -18.53 13.08
CA HIS D 172 -4.46 -17.83 12.24
C HIS D 172 -4.11 -16.51 12.94
N THR D 173 -2.85 -16.36 13.34
CA THR D 173 -2.38 -15.11 13.91
C THR D 173 -1.45 -14.46 12.89
N PHE D 174 -1.78 -13.31 12.50
CA PHE D 174 -1.13 -12.66 11.36
C PHE D 174 0.04 -11.80 11.81
N PRO D 175 1.07 -11.67 10.97
CA PRO D 175 2.22 -10.85 11.35
C PRO D 175 1.82 -9.39 11.53
N ALA D 176 2.37 -8.76 12.56
CA ALA D 176 2.05 -7.38 12.88
C ALA D 176 2.43 -6.48 11.71
N VAL D 177 1.69 -5.40 11.55
CA VAL D 177 1.96 -4.39 10.53
C VAL D 177 2.20 -3.07 11.23
N LEU D 178 3.23 -2.34 10.80
CA LEU D 178 3.59 -1.09 11.43
C LEU D 178 2.86 0.03 10.72
N GLN D 179 1.85 0.60 11.39
CA GLN D 179 1.09 1.75 10.89
C GLN D 179 1.62 2.99 11.62
N SER D 180 2.76 3.49 11.12
CA SER D 180 3.61 4.52 11.73
C SER D 180 2.94 5.33 12.83
N ASP D 181 3.50 5.34 14.04
CA ASP D 181 4.68 4.59 14.45
C ASP D 181 4.32 3.54 15.50
N LEU D 182 3.33 2.70 15.19
CA LEU D 182 2.80 1.70 16.11
C LEU D 182 2.38 0.46 15.33
N TYR D 183 2.33 -0.69 16.01
CA TYR D 183 1.99 -1.95 15.39
C TYR D 183 0.53 -2.33 15.59
N THR D 184 -0.04 -2.98 14.58
CA THR D 184 -1.36 -3.59 14.67
C THR D 184 -1.28 -5.02 14.19
N LEU D 185 -2.04 -5.90 14.84
CA LEU D 185 -2.04 -7.32 14.60
C LEU D 185 -3.47 -7.83 14.75
N SER D 186 -3.77 -8.96 14.09
CA SER D 186 -5.08 -9.59 14.25
C SER D 186 -4.90 -11.10 14.35
N SER D 187 -5.89 -11.76 14.94
CA SER D 187 -5.87 -13.21 15.03
C SER D 187 -7.27 -13.75 14.83
N SER D 188 -7.37 -14.87 14.13
CA SER D 188 -8.66 -15.47 13.85
C SER D 188 -8.73 -16.92 14.34
N VAL D 189 -9.93 -17.33 14.74
CA VAL D 189 -10.20 -18.70 15.16
C VAL D 189 -11.50 -19.14 14.51
N THR D 190 -11.53 -20.39 14.04
CA THR D 190 -12.69 -20.98 13.39
C THR D 190 -13.14 -22.18 14.20
N VAL D 191 -14.43 -22.24 14.54
CA VAL D 191 -14.99 -23.27 15.39
C VAL D 191 -16.32 -23.72 14.81
N PRO D 192 -16.78 -24.92 15.16
CA PRO D 192 -18.11 -25.33 14.69
C PRO D 192 -19.18 -24.39 15.22
N SER D 193 -20.23 -24.21 14.42
CA SER D 193 -21.30 -23.30 14.81
C SER D 193 -21.99 -23.75 16.09
N SER D 194 -22.02 -25.05 16.36
CA SER D 194 -22.57 -25.51 17.62
C SER D 194 -21.70 -25.04 18.79
N THR D 195 -20.39 -25.08 18.64
CA THR D 195 -19.48 -24.62 19.67
C THR D 195 -19.70 -23.16 20.11
N TRP D 196 -20.48 -22.36 19.38
CA TRP D 196 -20.63 -20.94 19.73
C TRP D 196 -22.04 -20.37 19.54
N VAL D 201 -15.79 -18.57 24.02
CA VAL D 201 -14.54 -18.33 23.30
C VAL D 201 -13.96 -16.97 23.70
N THR D 202 -12.68 -17.00 24.10
CA THR D 202 -12.00 -15.82 24.64
C THR D 202 -10.60 -15.74 24.09
N CYS D 203 -10.20 -14.57 23.59
CA CYS D 203 -8.82 -14.38 23.16
C CYS D 203 -8.03 -13.71 24.26
N ASN D 204 -6.81 -14.22 24.49
CA ASN D 204 -5.91 -13.71 25.51
C ASN D 204 -4.73 -13.05 24.82
N VAL D 205 -4.54 -11.76 25.08
CA VAL D 205 -3.45 -11.01 24.48
C VAL D 205 -2.54 -10.52 25.59
N ALA D 206 -1.23 -10.65 25.37
CA ALA D 206 -0.24 -10.22 26.34
C ALA D 206 0.86 -9.46 25.61
N HIS D 207 1.21 -8.29 26.15
CA HIS D 207 2.29 -7.45 25.63
C HIS D 207 3.33 -7.28 26.72
N PRO D 208 4.47 -7.98 26.63
CA PRO D 208 5.39 -8.03 27.78
C PRO D 208 6.04 -6.70 28.09
N ALA D 209 6.34 -5.89 27.06
CA ALA D 209 7.00 -4.61 27.25
C ALA D 209 6.14 -3.60 28.01
N SER D 210 4.89 -3.92 28.28
CA SER D 210 4.05 -3.07 29.11
C SER D 210 3.39 -3.83 30.25
N SER D 211 3.82 -5.07 30.51
CA SER D 211 3.30 -5.87 31.61
C SER D 211 1.78 -5.89 31.58
N THR D 212 1.23 -6.14 30.39
CA THR D 212 -0.22 -6.20 30.24
C THR D 212 -0.66 -7.57 29.73
N LYS D 213 -1.83 -8.00 30.20
CA LYS D 213 -2.42 -9.25 29.76
C LYS D 213 -3.94 -9.07 29.77
N VAL D 214 -4.57 -9.18 28.61
CA VAL D 214 -6.01 -8.95 28.46
C VAL D 214 -6.68 -10.25 28.04
N ASP D 215 -7.93 -10.39 28.45
CA ASP D 215 -8.79 -11.48 28.02
C ASP D 215 -10.07 -10.85 27.48
N LYS D 216 -10.45 -11.18 26.25
CA LYS D 216 -11.65 -10.61 25.66
C LYS D 216 -12.52 -11.74 25.12
N LYS D 217 -13.75 -11.84 25.64
CA LYS D 217 -14.72 -12.84 25.19
C LYS D 217 -15.48 -12.33 23.98
N ILE D 218 -15.73 -13.22 23.03
CA ILE D 218 -16.42 -12.84 21.80
C ILE D 218 -17.91 -13.06 22.01
N VAL D 219 -18.66 -11.96 22.09
CA VAL D 219 -20.09 -11.96 22.34
C VAL D 219 -20.84 -11.53 21.08
N PRO D 220 -21.99 -12.13 20.76
CA PRO D 220 -22.79 -11.80 19.57
C PRO D 220 -23.37 -10.38 19.57
#